data_4A3U
#
_entry.id   4A3U
#
_cell.length_a   52.600
_cell.length_b   90.500
_cell.length_c   76.600
_cell.angle_alpha   90.00
_cell.angle_beta   108.30
_cell.angle_gamma   90.00
#
_symmetry.space_group_name_H-M   'P 1 21 1'
#
loop_
_entity.id
_entity.type
_entity.pdbx_description
1 polymer 'NADH\:FLAVIN OXIDOREDUCTASE/NADH OXIDASE'
2 non-polymer 'FLAVIN MONONUCLEOTIDE'
3 non-polymer 'ACETATE ION'
4 non-polymer NICOTINAMIDE
5 non-polymer 'SODIUM ION'
6 non-polymer 'POTASSIUM ION'
7 water water
#
_entity_poly.entity_id   1
_entity_poly.type   'polypeptide(L)'
_entity_poly.pdbx_seq_one_letter_code
;MPSLFDPIRFGAFTAKNRIWMAPLTRGRATRDHVPTEIMAEYYAQRASAGLIISEATGISQEGLGWPYAPGIWSDAQVEA
WLPITQAVHDAGGLIFAQLWHMGRMVPSNVSGMQPVAPSASQAPGLGHTYDGKKPYDVARALRLDEIPRLLDDYEKAARH
ALKAGFDGVQIHAANGYLIDEFIRDSTNHRHDEYGGAVENRIRLLKDVTERVIATIGKERTAVRLSPNGEIQGTVDSHPE
QVFIPAAKMLSDLDIAFLGMREGAVDGTFGKTDQPKLSPEIRKVFKPPLVLNQDYTFETAQAALDSGVADAISFGRPFIG
NPDLPRRFFEKAPLTKDVIETWYTQTPKGYTDYPLLGD
;
_entity_poly.pdbx_strand_id   A,B
#
loop_
_chem_comp.id
_chem_comp.type
_chem_comp.name
_chem_comp.formula
ACT non-polymer 'ACETATE ION' 'C2 H3 O2 -1'
FMN non-polymer 'FLAVIN MONONUCLEOTIDE' 'C17 H21 N4 O9 P'
K non-polymer 'POTASSIUM ION' 'K 1'
NA non-polymer 'SODIUM ION' 'Na 1'
NCA non-polymer NICOTINAMIDE 'C6 H6 N2 O'
#
# COMPACT_ATOMS: atom_id res chain seq x y z
N PRO A 2 -15.82 18.31 13.06
CA PRO A 2 -14.48 18.30 12.44
C PRO A 2 -14.23 19.55 11.62
N SER A 3 -12.97 19.95 11.60
CA SER A 3 -12.57 21.17 10.94
C SER A 3 -12.05 20.72 9.61
N LEU A 4 -12.33 21.51 8.57
CA LEU A 4 -11.76 21.20 7.28
C LEU A 4 -10.25 20.91 7.36
N PHE A 5 -9.58 21.51 8.35
CA PHE A 5 -8.12 21.52 8.52
C PHE A 5 -7.61 20.40 9.50
N ASP A 6 -8.56 19.72 10.12
CA ASP A 6 -8.32 18.54 10.94
C ASP A 6 -7.96 17.30 10.12
N PRO A 7 -6.99 16.53 10.59
CA PRO A 7 -6.71 15.27 9.88
C PRO A 7 -7.93 14.31 9.79
N ILE A 8 -7.89 13.36 8.86
CA ILE A 8 -8.91 12.32 8.76
C ILE A 8 -8.26 10.94 8.55
N ARG A 9 -8.70 9.98 9.36
CA ARG A 9 -8.28 8.62 9.19
C ARG A 9 -9.19 8.02 8.13
N PHE A 10 -8.58 7.32 7.16
CA PHE A 10 -9.31 6.55 6.18
C PHE A 10 -8.44 5.39 5.72
N GLY A 11 -9.05 4.20 5.61
CA GLY A 11 -8.31 2.99 5.19
C GLY A 11 -7.05 2.77 6.00
N ALA A 12 -5.90 2.69 5.34
CA ALA A 12 -4.63 2.57 6.04
C ALA A 12 -3.88 3.88 6.22
N PHE A 13 -4.56 5.03 6.32
CA PHE A 13 -3.93 6.37 6.11
C PHE A 13 -4.48 7.43 7.10
N THR A 14 -3.75 8.52 7.35
CA THR A 14 -4.32 9.74 7.94
C THR A 14 -3.96 10.83 6.96
N ALA A 15 -4.98 11.39 6.33
CA ALA A 15 -4.83 12.64 5.58
C ALA A 15 -4.63 13.83 6.52
N LYS A 16 -3.80 14.78 6.11
CA LYS A 16 -3.44 15.91 6.96
C LYS A 16 -4.59 16.89 7.10
N ASN A 17 -5.58 16.81 6.21
CA ASN A 17 -6.77 17.67 6.23
C ASN A 17 -7.96 17.09 5.45
N ARG A 18 -9.12 17.76 5.55
CA ARG A 18 -10.39 17.28 4.95
C ARG A 18 -10.77 18.08 3.68
N ILE A 19 -9.73 18.66 3.06
CA ILE A 19 -9.81 19.50 1.87
C ILE A 19 -9.06 18.74 0.78
N TRP A 20 -9.80 17.96 -0.02
CA TRP A 20 -9.20 16.99 -0.93
C TRP A 20 -9.24 17.44 -2.38
N MET A 21 -8.32 16.90 -3.21
CA MET A 21 -8.32 17.11 -4.70
C MET A 21 -9.16 16.08 -5.43
N ALA A 22 -10.25 16.56 -6.04
CA ALA A 22 -11.11 15.72 -6.85
C ALA A 22 -10.34 15.30 -8.08
N PRO A 23 -10.62 14.11 -8.61
CA PRO A 23 -10.09 13.66 -9.91
C PRO A 23 -10.34 14.65 -11.06
N LEU A 24 -9.24 15.06 -11.72
CA LEU A 24 -9.28 16.06 -12.79
C LEU A 24 -8.51 15.62 -14.05
N THR A 25 -9.22 15.27 -15.15
CA THR A 25 -8.60 14.85 -16.44
C THR A 25 -8.00 16.12 -17.03
N ARG A 26 -6.72 16.05 -17.36
CA ARG A 26 -5.96 17.23 -17.86
C ARG A 26 -5.29 17.02 -19.21
N GLY A 27 -5.09 15.79 -19.69
CA GLY A 27 -4.55 15.57 -21.08
C GLY A 27 -3.12 16.00 -21.29
N ARG A 28 -2.30 15.90 -20.24
CA ARG A 28 -0.86 16.25 -20.35
C ARG A 28 0.06 15.05 -20.40
N ALA A 29 -0.51 13.87 -20.63
CA ALA A 29 0.23 12.67 -20.99
C ALA A 29 0.46 12.52 -22.49
N THR A 30 1.01 11.38 -22.90
CA THR A 30 1.39 11.22 -24.30
C THR A 30 0.23 10.69 -25.11
N ARG A 31 0.35 10.75 -26.44
CA ARG A 31 -0.63 10.17 -27.35
C ARG A 31 -0.86 8.72 -26.93
N ASP A 32 0.20 8.03 -26.53
CA ASP A 32 0.10 6.62 -26.16
C ASP A 32 -0.06 6.39 -24.67
N HIS A 33 -0.66 7.42 -24.03
CA HIS A 33 -1.19 7.44 -22.64
C HIS A 33 -0.18 7.16 -21.58
N VAL A 34 1.07 7.62 -21.82
CA VAL A 34 2.18 7.43 -20.90
C VAL A 34 2.31 8.77 -20.16
N PRO A 35 2.33 8.76 -18.80
CA PRO A 35 2.47 10.02 -18.10
C PRO A 35 3.78 10.70 -18.44
N THR A 36 3.85 11.98 -18.08
CA THR A 36 4.98 12.81 -18.52
C THR A 36 5.59 13.50 -17.31
N GLU A 37 6.80 13.98 -17.51
CA GLU A 37 7.52 14.69 -16.41
C GLU A 37 6.77 15.89 -15.75
N ILE A 38 6.16 16.79 -16.55
CA ILE A 38 5.42 17.98 -16.06
C ILE A 38 4.28 17.62 -15.08
N MET A 39 3.68 16.43 -15.24
CA MET A 39 2.56 16.00 -14.35
C MET A 39 3.02 15.88 -12.89
N ALA A 40 4.27 15.45 -12.72
CA ALA A 40 4.93 15.49 -11.41
C ALA A 40 4.92 16.89 -10.74
N GLU A 41 5.33 17.94 -11.47
CA GLU A 41 5.31 19.29 -10.86
C GLU A 41 3.89 19.70 -10.49
N TYR A 42 2.95 19.49 -11.41
CA TYR A 42 1.53 19.79 -11.25
C TYR A 42 1.01 19.20 -9.95
N TYR A 43 1.27 17.92 -9.75
CA TYR A 43 0.72 17.21 -8.54
C TYR A 43 1.45 17.66 -7.26
N ALA A 44 2.79 17.70 -7.29
CA ALA A 44 3.57 18.33 -6.20
C ALA A 44 3.08 19.69 -5.68
N GLN A 45 2.64 20.56 -6.57
CA GLN A 45 2.14 21.89 -6.23
C GLN A 45 0.91 21.78 -5.40
N ARG A 46 0.20 20.70 -5.57
CA ARG A 46 -1.11 20.58 -4.93
C ARG A 46 -1.12 19.55 -3.83
N ALA A 47 0.08 19.10 -3.44
CA ALA A 47 0.26 18.12 -2.34
C ALA A 47 -0.23 18.56 -0.95
N SER A 48 -0.66 19.80 -0.78
CA SER A 48 -1.29 20.20 0.48
C SER A 48 -2.74 19.68 0.57
N ALA A 49 -3.24 19.14 -0.56
CA ALA A 49 -4.50 18.42 -0.55
C ALA A 49 -4.38 17.24 0.42
N GLY A 50 -5.40 17.04 1.26
CA GLY A 50 -5.30 15.90 2.19
C GLY A 50 -5.07 14.60 1.44
N LEU A 51 -5.88 14.36 0.42
CA LEU A 51 -5.68 13.32 -0.57
C LEU A 51 -5.83 13.98 -1.93
N ILE A 52 -4.91 13.68 -2.82
CA ILE A 52 -5.09 14.02 -4.22
C ILE A 52 -5.69 12.75 -4.83
N ILE A 53 -6.85 12.84 -5.48
CA ILE A 53 -7.32 11.74 -6.34
C ILE A 53 -6.80 12.11 -7.73
N SER A 54 -6.12 11.19 -8.37
CA SER A 54 -5.55 11.44 -9.67
C SER A 54 -6.62 11.73 -10.73
N GLU A 55 -6.18 12.39 -11.79
CA GLU A 55 -6.92 12.33 -13.04
C GLU A 55 -7.27 10.89 -13.40
N ALA A 56 -8.33 10.73 -14.16
CA ALA A 56 -8.83 9.41 -14.54
C ALA A 56 -7.77 8.70 -15.32
N THR A 57 -7.46 7.46 -14.95
CA THR A 57 -6.35 6.69 -15.50
C THR A 57 -6.88 5.40 -16.12
N GLY A 58 -6.70 5.27 -17.41
CA GLY A 58 -7.23 4.11 -18.14
C GLY A 58 -6.68 2.77 -17.65
N ILE A 59 -7.58 1.81 -17.38
CA ILE A 59 -7.12 0.46 -17.00
C ILE A 59 -6.70 -0.42 -18.19
N SER A 60 -7.04 0.01 -19.41
CA SER A 60 -6.68 -0.77 -20.59
C SER A 60 -6.91 0.14 -21.75
N GLN A 61 -6.41 -0.23 -22.92
CA GLN A 61 -6.70 0.58 -24.08
C GLN A 61 -8.19 0.54 -24.44
N GLU A 62 -8.81 -0.65 -24.35
CA GLU A 62 -10.26 -0.78 -24.55
C GLU A 62 -11.06 0.28 -23.75
N GLY A 63 -10.67 0.52 -22.50
CA GLY A 63 -11.38 1.42 -21.61
C GLY A 63 -10.89 2.86 -21.63
N LEU A 64 -9.88 3.15 -22.44
CA LEU A 64 -9.31 4.49 -22.46
C LEU A 64 -9.47 5.21 -23.81
N GLY A 65 -10.39 6.15 -23.85
CA GLY A 65 -10.74 6.85 -25.07
C GLY A 65 -10.49 8.35 -24.96
N TRP A 66 -9.81 8.82 -23.90
CA TRP A 66 -9.62 10.25 -23.73
C TRP A 66 -8.28 10.63 -24.23
N PRO A 67 -8.24 11.57 -25.23
CA PRO A 67 -6.94 11.78 -25.84
C PRO A 67 -5.96 12.42 -24.88
N TYR A 68 -4.76 11.85 -24.74
CA TYR A 68 -3.67 12.32 -23.92
C TYR A 68 -3.85 12.18 -22.42
N ALA A 69 -4.86 11.41 -22.05
CA ALA A 69 -4.99 10.95 -20.70
C ALA A 69 -4.03 9.79 -20.45
N PRO A 70 -3.61 9.62 -19.22
CA PRO A 70 -2.70 8.48 -18.89
C PRO A 70 -3.42 7.12 -18.74
N GLY A 71 -2.72 6.02 -19.02
CA GLY A 71 -3.18 4.67 -18.63
C GLY A 71 -2.29 4.10 -17.55
N ILE A 72 -2.61 2.91 -17.09
CA ILE A 72 -1.74 2.20 -16.12
C ILE A 72 -1.62 0.65 -16.34
N TRP A 73 -1.92 0.16 -17.55
CA TRP A 73 -1.81 -1.27 -17.95
C TRP A 73 -0.44 -1.79 -18.36
N SER A 74 0.46 -0.88 -18.73
CA SER A 74 1.77 -1.26 -19.21
C SER A 74 2.89 -0.97 -18.21
N ASP A 75 4.03 -1.63 -18.41
CA ASP A 75 5.19 -1.43 -17.58
C ASP A 75 5.75 -0.02 -17.78
N ALA A 76 5.71 0.49 -19.01
CA ALA A 76 6.25 1.81 -19.34
C ALA A 76 5.42 2.93 -18.68
N GLN A 77 4.10 2.69 -18.53
CA GLN A 77 3.20 3.56 -17.80
C GLN A 77 3.51 3.60 -16.29
N VAL A 78 3.58 2.43 -15.65
CA VAL A 78 4.03 2.33 -14.24
C VAL A 78 5.30 3.15 -14.02
N GLU A 79 6.26 2.96 -14.92
CA GLU A 79 7.60 3.59 -14.78
C GLU A 79 7.48 5.10 -14.83
N ALA A 80 6.63 5.59 -15.74
CA ALA A 80 6.42 7.02 -15.96
C ALA A 80 5.65 7.66 -14.79
N TRP A 81 4.82 6.89 -14.08
CA TRP A 81 4.11 7.39 -12.93
C TRP A 81 5.01 7.58 -11.72
N LEU A 82 6.05 6.77 -11.63
CA LEU A 82 6.95 6.80 -10.46
C LEU A 82 7.33 8.25 -10.07
N PRO A 83 7.75 9.08 -11.06
CA PRO A 83 8.16 10.42 -10.64
C PRO A 83 7.08 11.26 -10.03
N ILE A 84 5.82 10.97 -10.42
CA ILE A 84 4.62 11.73 -10.02
C ILE A 84 4.36 11.37 -8.54
N THR A 85 4.31 10.07 -8.26
CA THR A 85 3.97 9.63 -6.90
C THR A 85 5.14 9.97 -5.98
N GLN A 86 6.36 9.79 -6.47
CA GLN A 86 7.51 10.16 -5.68
C GLN A 86 7.40 11.61 -5.23
N ALA A 87 7.10 12.50 -6.20
CA ALA A 87 6.98 13.95 -5.91
C ALA A 87 5.93 14.20 -4.84
N VAL A 88 4.83 13.44 -4.91
CA VAL A 88 3.75 13.75 -3.98
C VAL A 88 4.17 13.39 -2.57
N HIS A 89 4.78 12.22 -2.45
CA HIS A 89 5.28 11.73 -1.17
C HIS A 89 6.45 12.54 -0.67
N ASP A 90 7.29 13.12 -1.54
CA ASP A 90 8.32 14.09 -1.07
C ASP A 90 7.73 15.35 -0.43
N ALA A 91 6.58 15.78 -0.94
CA ALA A 91 5.90 16.96 -0.48
C ALA A 91 4.99 16.57 0.71
N GLY A 92 5.04 15.31 1.12
CA GLY A 92 4.38 14.86 2.32
C GLY A 92 2.95 14.44 2.13
N GLY A 93 2.50 14.37 0.88
CA GLY A 93 1.08 14.16 0.60
C GLY A 93 0.69 12.70 0.30
N LEU A 94 -0.58 12.48 0.00
CA LEU A 94 -1.07 11.14 -0.39
C LEU A 94 -1.73 11.23 -1.76
N ILE A 95 -1.66 10.18 -2.57
CA ILE A 95 -2.33 10.18 -3.86
C ILE A 95 -2.91 8.79 -4.14
N PHE A 96 -4.20 8.78 -4.50
CA PHE A 96 -4.87 7.64 -5.08
C PHE A 96 -5.05 7.85 -6.60
N ALA A 97 -4.89 6.73 -7.33
CA ALA A 97 -5.11 6.58 -8.75
C ALA A 97 -6.59 6.35 -8.98
N GLN A 98 -7.18 7.12 -9.87
CA GLN A 98 -8.54 6.81 -10.36
C GLN A 98 -8.47 5.83 -11.53
N LEU A 99 -9.11 4.71 -11.38
CA LEU A 99 -9.01 3.64 -12.35
C LEU A 99 -10.25 3.72 -13.23
N TRP A 100 -9.99 3.73 -14.54
CA TRP A 100 -10.92 4.28 -15.55
C TRP A 100 -11.17 3.33 -16.66
N HIS A 101 -12.46 2.98 -16.76
CA HIS A 101 -13.03 2.37 -17.96
C HIS A 101 -14.16 3.25 -18.42
N MET A 102 -13.98 3.73 -19.64
CA MET A 102 -14.88 4.71 -20.18
C MET A 102 -16.13 4.12 -20.83
N GLY A 103 -16.23 2.80 -20.97
CA GLY A 103 -17.38 2.13 -21.62
C GLY A 103 -17.78 2.74 -22.96
N ARG A 104 -19.07 3.15 -23.12
CA ARG A 104 -19.62 3.56 -24.41
C ARG A 104 -18.96 4.85 -24.93
N MET A 105 -18.33 5.62 -24.01
CA MET A 105 -17.72 6.93 -24.27
C MET A 105 -16.31 6.84 -24.88
N VAL A 106 -15.82 5.63 -25.20
CA VAL A 106 -14.49 5.47 -25.80
C VAL A 106 -14.57 5.66 -27.31
N PRO A 107 -14.07 6.83 -27.83
CA PRO A 107 -13.93 7.02 -29.26
C PRO A 107 -12.98 6.01 -29.86
N SER A 108 -13.46 5.23 -30.82
CA SER A 108 -12.59 4.41 -31.69
C SER A 108 -11.34 5.05 -32.30
N ASN A 109 -11.40 6.35 -32.59
CA ASN A 109 -10.20 7.02 -33.07
C ASN A 109 -9.06 6.87 -32.05
N VAL A 110 -9.44 6.82 -30.77
CA VAL A 110 -8.48 6.68 -29.67
C VAL A 110 -8.09 5.21 -29.40
N SER A 111 -9.04 4.36 -28.99
CA SER A 111 -8.80 2.95 -28.66
C SER A 111 -8.45 2.05 -29.82
N GLY A 112 -8.97 2.39 -31.00
CA GLY A 112 -8.79 1.61 -32.20
C GLY A 112 -9.83 0.47 -32.32
N MET A 113 -10.77 0.34 -31.38
CA MET A 113 -11.75 -0.75 -31.46
C MET A 113 -13.10 -0.17 -31.13
N GLN A 114 -14.15 -0.99 -31.27
CA GLN A 114 -15.51 -0.66 -30.84
C GLN A 114 -15.58 -0.59 -29.33
N PRO A 115 -16.32 0.36 -28.80
CA PRO A 115 -16.48 0.52 -27.36
C PRO A 115 -17.52 -0.48 -26.84
N VAL A 116 -17.42 -0.80 -25.56
CA VAL A 116 -18.31 -1.79 -24.92
C VAL A 116 -19.11 -1.16 -23.83
N ALA A 117 -20.28 -1.74 -23.55
CA ALA A 117 -21.22 -1.11 -22.65
C ALA A 117 -22.15 -2.17 -22.10
N PRO A 118 -22.96 -1.81 -21.09
CA PRO A 118 -23.89 -2.91 -20.69
C PRO A 118 -24.82 -3.34 -21.81
N SER A 119 -25.11 -2.37 -22.72
CA SER A 119 -26.18 -2.50 -23.70
C SER A 119 -25.79 -1.73 -24.94
N ALA A 120 -26.30 -2.14 -26.12
CA ALA A 120 -25.98 -1.45 -27.37
C ALA A 120 -26.62 -0.06 -27.41
N SER A 121 -25.83 0.93 -27.84
CA SER A 121 -26.33 2.29 -27.90
C SER A 121 -25.24 3.11 -28.49
N GLN A 122 -25.56 4.39 -28.67
CA GLN A 122 -24.64 5.43 -29.17
C GLN A 122 -24.73 6.61 -28.25
N ALA A 123 -23.65 6.86 -27.54
CA ALA A 123 -23.60 7.99 -26.65
C ALA A 123 -23.97 9.22 -27.44
N PRO A 124 -24.76 10.12 -26.81
CA PRO A 124 -25.03 11.42 -27.40
C PRO A 124 -23.79 12.29 -27.36
N GLY A 125 -23.57 13.07 -28.41
CA GLY A 125 -22.69 14.21 -28.33
C GLY A 125 -21.45 14.10 -29.14
N LEU A 126 -20.44 14.87 -28.75
CA LEU A 126 -19.16 14.81 -29.44
C LEU A 126 -18.04 14.46 -28.50
N GLY A 127 -17.25 13.43 -28.77
CA GLY A 127 -16.05 13.08 -27.96
C GLY A 127 -14.79 13.75 -28.51
N HIS A 128 -13.96 14.32 -27.62
CA HIS A 128 -12.54 14.69 -27.91
C HIS A 128 -11.80 13.50 -28.46
N THR A 129 -11.04 13.70 -29.55
CA THR A 129 -10.24 12.63 -30.17
C THR A 129 -8.85 13.16 -30.55
N TYR A 130 -8.13 12.40 -31.37
CA TYR A 130 -6.85 12.89 -31.91
C TYR A 130 -6.98 13.54 -33.28
N ASP A 131 -8.19 13.56 -33.83
CA ASP A 131 -8.47 14.46 -34.95
C ASP A 131 -9.82 15.15 -34.76
N GLY A 132 -9.88 16.05 -33.77
CA GLY A 132 -11.04 16.90 -33.53
C GLY A 132 -12.13 16.17 -32.78
N LYS A 133 -13.25 16.84 -32.55
CA LYS A 133 -14.38 16.14 -31.96
C LYS A 133 -14.98 15.27 -33.05
N LYS A 134 -15.54 14.15 -32.62
CA LYS A 134 -16.25 13.25 -33.48
C LYS A 134 -17.39 12.78 -32.60
N PRO A 135 -18.51 12.43 -33.23
CA PRO A 135 -19.49 11.66 -32.45
C PRO A 135 -19.04 10.24 -32.09
N TYR A 136 -19.69 9.72 -31.06
CA TYR A 136 -19.35 8.47 -30.51
C TYR A 136 -19.79 7.31 -31.47
N ASP A 137 -19.26 6.13 -31.20
CA ASP A 137 -19.44 4.94 -32.02
C ASP A 137 -20.62 4.26 -31.42
N VAL A 138 -21.11 3.25 -32.12
CA VAL A 138 -22.12 2.37 -31.58
C VAL A 138 -21.41 1.34 -30.71
N ALA A 139 -21.68 1.41 -29.41
CA ALA A 139 -21.18 0.40 -28.49
C ALA A 139 -21.87 -0.97 -28.70
N ARG A 140 -21.13 -1.99 -28.26
CA ARG A 140 -21.60 -3.38 -28.24
C ARG A 140 -21.87 -3.72 -26.78
N ALA A 141 -22.86 -4.60 -26.54
CA ALA A 141 -23.13 -5.01 -25.18
C ALA A 141 -22.07 -6.05 -24.73
N LEU A 142 -21.31 -5.74 -23.69
CA LEU A 142 -20.32 -6.66 -23.10
C LEU A 142 -20.94 -8.06 -22.79
N ARG A 143 -20.31 -9.09 -23.31
CA ARG A 143 -20.80 -10.46 -23.10
C ARG A 143 -20.53 -10.95 -21.67
N LEU A 144 -21.51 -11.60 -21.05
CA LEU A 144 -21.31 -12.26 -19.74
C LEU A 144 -19.90 -12.96 -19.64
N ASP A 145 -19.50 -13.64 -20.70
CA ASP A 145 -18.20 -14.41 -20.78
C ASP A 145 -16.91 -13.55 -20.93
N GLU A 146 -17.11 -12.21 -20.99
CA GLU A 146 -16.05 -11.19 -21.03
C GLU A 146 -15.84 -10.52 -19.66
N ILE A 147 -16.77 -10.72 -18.71
CA ILE A 147 -16.67 -10.10 -17.39
C ILE A 147 -15.42 -10.63 -16.64
N PRO A 148 -15.12 -11.96 -16.72
CA PRO A 148 -13.84 -12.43 -16.12
C PRO A 148 -12.59 -11.64 -16.57
N ARG A 149 -12.54 -11.27 -17.84
CA ARG A 149 -11.40 -10.54 -18.42
C ARG A 149 -11.26 -9.09 -17.85
N LEU A 150 -12.37 -8.41 -17.93
CA LEU A 150 -12.60 -7.06 -17.42
C LEU A 150 -12.14 -6.96 -15.97
N LEU A 151 -12.59 -7.91 -15.16
CA LEU A 151 -12.10 -8.01 -13.83
C LEU A 151 -10.55 -8.16 -13.76
N ASP A 152 -9.96 -8.99 -14.62
CA ASP A 152 -8.47 -9.09 -14.65
C ASP A 152 -7.82 -7.79 -15.10
N ASP A 153 -8.43 -7.14 -16.08
CA ASP A 153 -8.02 -5.75 -16.39
C ASP A 153 -7.99 -4.86 -15.14
N TYR A 154 -9.04 -4.96 -14.30
CA TYR A 154 -9.09 -4.08 -13.11
C TYR A 154 -8.03 -4.52 -12.09
N GLU A 155 -7.81 -5.83 -12.02
CA GLU A 155 -6.85 -6.42 -11.06
C GLU A 155 -5.48 -5.91 -11.42
N LYS A 156 -5.06 -6.17 -12.66
CA LYS A 156 -3.71 -5.74 -13.17
C LYS A 156 -3.49 -4.26 -12.90
N ALA A 157 -4.52 -3.46 -13.15
CA ALA A 157 -4.41 -1.98 -13.02
C ALA A 157 -4.18 -1.59 -11.57
N ALA A 158 -4.88 -2.28 -10.67
CA ALA A 158 -4.80 -2.00 -9.25
C ALA A 158 -3.41 -2.40 -8.71
N ARG A 159 -2.84 -3.51 -9.16
CA ARG A 159 -1.52 -3.86 -8.73
C ARG A 159 -0.50 -2.95 -9.38
N HIS A 160 -0.73 -2.61 -10.62
CA HIS A 160 0.15 -1.64 -11.30
C HIS A 160 0.16 -0.32 -10.61
N ALA A 161 -0.94 0.06 -9.98
CA ALA A 161 -0.99 1.30 -9.22
C ALA A 161 -0.08 1.28 -8.00
N LEU A 162 0.02 0.13 -7.32
CA LEU A 162 0.90 -0.02 -6.16
C LEU A 162 2.35 0.04 -6.65
N LYS A 163 2.59 -0.55 -7.79
CA LYS A 163 3.97 -0.58 -8.26
C LYS A 163 4.37 0.85 -8.60
N ALA A 164 3.44 1.58 -9.18
CA ALA A 164 3.72 2.96 -9.62
C ALA A 164 3.95 3.92 -8.41
N GLY A 165 3.59 3.48 -7.21
CA GLY A 165 3.79 4.25 -5.98
C GLY A 165 2.57 4.93 -5.39
N PHE A 166 1.40 4.68 -6.00
CA PHE A 166 0.19 5.24 -5.47
C PHE A 166 -0.11 4.54 -4.16
N ASP A 167 -0.76 5.29 -3.30
CA ASP A 167 -1.18 4.87 -1.98
C ASP A 167 -2.36 3.95 -2.12
N GLY A 168 -3.19 4.15 -3.15
CA GLY A 168 -4.15 3.12 -3.56
C GLY A 168 -4.92 3.49 -4.81
N VAL A 169 -6.15 2.99 -4.91
CA VAL A 169 -6.99 3.33 -6.06
C VAL A 169 -8.44 3.77 -5.71
N GLN A 170 -8.99 4.65 -6.55
CA GLN A 170 -10.43 4.91 -6.57
C GLN A 170 -11.05 4.42 -7.89
N ILE A 171 -12.07 3.56 -7.79
CA ILE A 171 -12.72 2.94 -8.98
C ILE A 171 -13.70 3.95 -9.58
N HIS A 172 -13.46 4.34 -10.82
CA HIS A 172 -14.36 5.29 -11.47
C HIS A 172 -15.65 4.59 -11.83
N ALA A 173 -16.67 4.81 -10.99
CA ALA A 173 -18.02 4.32 -11.22
C ALA A 173 -19.08 5.46 -11.29
N ALA A 174 -18.62 6.68 -11.68
CA ALA A 174 -19.53 7.83 -12.02
C ALA A 174 -19.50 8.30 -13.43
N ASN A 175 -20.34 9.32 -13.66
CA ASN A 175 -20.21 10.31 -14.73
C ASN A 175 -20.51 9.72 -16.07
N GLY A 176 -21.28 8.63 -16.07
CA GLY A 176 -21.68 8.01 -17.35
C GLY A 176 -20.70 7.04 -18.02
N TYR A 177 -19.62 6.69 -17.34
CA TYR A 177 -18.68 5.74 -17.89
C TYR A 177 -19.17 4.31 -17.59
N LEU A 178 -18.31 3.28 -17.68
CA LEU A 178 -18.78 1.91 -17.88
C LEU A 178 -19.63 1.35 -16.71
N ILE A 179 -19.16 1.62 -15.50
CA ILE A 179 -19.79 0.98 -14.35
C ILE A 179 -21.13 1.66 -14.13
N ASP A 180 -21.15 3.00 -14.30
CA ASP A 180 -22.30 3.84 -14.09
C ASP A 180 -23.40 3.55 -15.12
N GLU A 181 -23.02 3.25 -16.37
CA GLU A 181 -23.94 2.74 -17.39
C GLU A 181 -24.67 1.44 -16.96
N PHE A 182 -23.94 0.52 -16.33
CA PHE A 182 -24.52 -0.73 -15.74
C PHE A 182 -25.47 -0.41 -14.56
N ILE A 183 -25.07 0.51 -13.72
CA ILE A 183 -25.94 0.91 -12.56
C ILE A 183 -27.37 1.50 -12.90
N ARG A 184 -27.44 2.37 -13.93
CA ARG A 184 -28.57 3.24 -14.15
C ARG A 184 -29.52 2.71 -15.21
N ASP A 185 -30.79 2.89 -15.00
CA ASP A 185 -31.74 2.19 -15.85
C ASP A 185 -31.99 2.88 -17.21
N SER A 186 -31.46 4.08 -17.46
CA SER A 186 -31.58 4.61 -18.82
C SER A 186 -30.58 3.97 -19.78
N THR A 187 -29.52 3.38 -19.25
CA THR A 187 -28.42 2.81 -20.06
C THR A 187 -28.36 1.25 -19.99
N ASN A 188 -28.76 0.68 -18.83
CA ASN A 188 -28.76 -0.74 -18.66
C ASN A 188 -30.07 -1.42 -19.05
N HIS A 189 -30.07 -2.05 -20.22
CA HIS A 189 -31.24 -2.77 -20.68
C HIS A 189 -31.00 -4.29 -20.81
N ARG A 190 -30.12 -4.84 -19.95
CA ARG A 190 -29.70 -6.24 -19.93
C ARG A 190 -30.73 -7.20 -19.30
N HIS A 191 -30.83 -8.40 -19.88
CA HIS A 191 -31.76 -9.46 -19.43
C HIS A 191 -31.11 -10.52 -18.57
N ASP A 192 -29.81 -10.38 -18.29
CA ASP A 192 -29.06 -11.41 -17.55
C ASP A 192 -28.81 -10.93 -16.14
N GLU A 193 -27.93 -11.63 -15.43
CA GLU A 193 -27.65 -11.36 -14.04
C GLU A 193 -26.98 -10.00 -13.73
N TYR A 194 -26.68 -9.19 -14.75
CA TYR A 194 -26.08 -7.83 -14.57
C TYR A 194 -27.02 -6.68 -14.90
N GLY A 195 -28.32 -6.95 -15.08
CA GLY A 195 -29.28 -5.93 -15.50
C GLY A 195 -30.67 -6.31 -15.02
N GLY A 196 -31.64 -5.42 -15.21
CA GLY A 196 -32.97 -5.60 -14.60
C GLY A 196 -33.01 -5.19 -13.12
N ALA A 197 -32.81 -6.13 -12.19
CA ALA A 197 -32.98 -5.86 -10.76
C ALA A 197 -31.85 -4.99 -10.20
N VAL A 198 -32.17 -4.21 -9.17
CA VAL A 198 -31.17 -3.40 -8.46
C VAL A 198 -29.87 -4.17 -8.15
N GLU A 199 -29.97 -5.35 -7.53
CA GLU A 199 -28.74 -6.10 -7.23
C GLU A 199 -27.94 -6.54 -8.50
N ASN A 200 -28.63 -6.87 -9.59
CA ASN A 200 -28.01 -7.10 -10.89
C ASN A 200 -27.28 -5.86 -11.43
N ARG A 201 -27.92 -4.72 -11.32
CA ARG A 201 -27.31 -3.47 -11.81
C ARG A 201 -26.08 -3.03 -11.02
N ILE A 202 -26.08 -3.20 -9.69
CA ILE A 202 -24.83 -2.99 -8.92
C ILE A 202 -23.84 -4.16 -8.92
N ARG A 203 -24.14 -5.26 -9.65
CA ARG A 203 -23.32 -6.48 -9.60
C ARG A 203 -21.89 -6.24 -10.18
N LEU A 204 -21.81 -5.41 -11.20
CA LEU A 204 -20.46 -5.15 -11.78
C LEU A 204 -19.66 -4.32 -10.76
N LEU A 205 -20.26 -3.26 -10.25
CA LEU A 205 -19.62 -2.44 -9.19
C LEU A 205 -19.12 -3.36 -8.10
N LYS A 206 -20.00 -4.24 -7.63
CA LYS A 206 -19.64 -5.13 -6.57
C LYS A 206 -18.40 -6.03 -6.94
N ASP A 207 -18.46 -6.82 -8.01
CA ASP A 207 -17.38 -7.73 -8.40
C ASP A 207 -16.08 -7.00 -8.72
N VAL A 208 -16.16 -5.81 -9.31
CA VAL A 208 -14.94 -5.07 -9.63
C VAL A 208 -14.35 -4.60 -8.29
N THR A 209 -15.19 -4.06 -7.37
CA THR A 209 -14.71 -3.70 -5.98
C THR A 209 -14.08 -4.89 -5.22
N GLU A 210 -14.79 -6.02 -5.15
CA GLU A 210 -14.22 -7.24 -4.57
C GLU A 210 -12.92 -7.69 -5.23
N ARG A 211 -12.77 -7.46 -6.53
CA ARG A 211 -11.49 -7.88 -7.18
C ARG A 211 -10.36 -6.96 -6.80
N VAL A 212 -10.63 -5.66 -6.75
CA VAL A 212 -9.62 -4.70 -6.23
C VAL A 212 -9.23 -4.92 -4.77
N ILE A 213 -10.21 -5.17 -3.90
CA ILE A 213 -9.98 -5.43 -2.50
C ILE A 213 -9.10 -6.70 -2.30
N ALA A 214 -9.38 -7.73 -3.06
CA ALA A 214 -8.61 -8.99 -3.04
C ALA A 214 -7.13 -8.86 -3.52
N THR A 215 -6.90 -7.85 -4.34
CA THR A 215 -5.59 -7.48 -4.91
C THR A 215 -4.71 -6.56 -4.04
N ILE A 216 -5.28 -5.46 -3.54
CA ILE A 216 -4.53 -4.46 -2.85
C ILE A 216 -4.99 -4.12 -1.43
N GLY A 217 -6.07 -4.75 -0.95
CA GLY A 217 -6.62 -4.53 0.41
C GLY A 217 -7.70 -3.44 0.36
N LYS A 218 -8.78 -3.59 1.12
CA LYS A 218 -9.83 -2.60 1.28
C LYS A 218 -9.33 -1.23 1.77
N GLU A 219 -8.24 -1.21 2.51
CA GLU A 219 -7.83 0.03 3.15
C GLU A 219 -7.15 0.98 2.15
N ARG A 220 -6.96 0.50 0.95
CA ARG A 220 -6.46 1.28 -0.22
C ARG A 220 -7.46 1.35 -1.41
N THR A 221 -8.69 0.90 -1.17
CA THR A 221 -9.67 0.75 -2.22
C THR A 221 -10.80 1.77 -1.97
N ALA A 222 -11.00 2.66 -2.94
CA ALA A 222 -12.08 3.67 -2.90
C ALA A 222 -12.98 3.56 -4.11
N VAL A 223 -14.13 4.22 -4.06
CA VAL A 223 -15.13 4.15 -5.16
C VAL A 223 -15.65 5.58 -5.38
N ARG A 224 -15.84 5.93 -6.65
CA ARG A 224 -16.65 7.06 -7.02
C ARG A 224 -17.98 6.70 -7.66
N LEU A 225 -19.01 7.38 -7.19
CA LEU A 225 -20.36 7.40 -7.77
C LEU A 225 -20.85 8.82 -8.06
N SER A 226 -21.87 8.91 -8.94
CA SER A 226 -22.60 10.14 -9.23
C SER A 226 -24.06 9.78 -9.34
N PRO A 227 -24.76 9.65 -8.22
CA PRO A 227 -26.08 9.02 -8.30
C PRO A 227 -27.19 9.93 -8.96
N ASN A 228 -27.06 11.26 -8.82
CA ASN A 228 -28.14 12.20 -9.24
C ASN A 228 -27.81 13.19 -10.35
N GLY A 229 -28.74 13.25 -11.31
CA GLY A 229 -28.61 14.16 -12.45
C GLY A 229 -28.03 13.43 -13.65
N GLU A 230 -28.56 13.73 -14.85
CA GLU A 230 -28.16 13.06 -16.10
C GLU A 230 -26.78 13.54 -16.49
N ILE A 231 -25.98 12.61 -17.01
CA ILE A 231 -24.63 12.90 -17.54
C ILE A 231 -24.23 11.95 -18.65
N GLN A 232 -23.90 12.54 -19.82
CA GLN A 232 -23.52 11.73 -20.99
C GLN A 232 -24.52 10.56 -21.34
N GLY A 233 -25.80 10.92 -21.43
CA GLY A 233 -26.97 10.07 -21.52
C GLY A 233 -27.21 8.98 -20.49
N THR A 234 -26.58 9.09 -19.33
CA THR A 234 -26.74 8.13 -18.24
C THR A 234 -27.54 8.81 -17.11
N VAL A 235 -28.71 8.25 -16.80
CA VAL A 235 -29.51 8.70 -15.68
C VAL A 235 -30.34 7.50 -15.21
N ASP A 236 -30.83 7.55 -13.98
CA ASP A 236 -31.70 6.54 -13.46
C ASP A 236 -33.04 7.20 -13.15
N SER A 237 -34.12 6.46 -13.38
CA SER A 237 -35.48 6.99 -13.19
C SER A 237 -35.86 7.16 -11.71
N HIS A 238 -35.19 6.45 -10.83
CA HIS A 238 -35.47 6.52 -9.40
C HIS A 238 -34.18 6.23 -8.67
N PRO A 239 -33.17 7.12 -8.79
CA PRO A 239 -31.81 6.88 -8.26
C PRO A 239 -31.73 6.41 -6.81
N GLU A 240 -32.71 6.75 -5.97
CA GLU A 240 -32.72 6.30 -4.55
C GLU A 240 -32.82 4.76 -4.43
N GLN A 241 -33.54 4.18 -5.39
CA GLN A 241 -33.81 2.73 -5.38
C GLN A 241 -32.57 1.88 -5.64
N VAL A 242 -31.61 2.45 -6.38
CA VAL A 242 -30.45 1.75 -6.91
C VAL A 242 -29.15 2.23 -6.23
N PHE A 243 -29.00 3.54 -5.99
CA PHE A 243 -27.79 4.05 -5.33
C PHE A 243 -27.73 3.83 -3.80
N ILE A 244 -28.87 3.84 -3.12
CA ILE A 244 -28.84 3.45 -1.70
C ILE A 244 -28.38 1.99 -1.46
N PRO A 245 -29.01 0.98 -2.11
CA PRO A 245 -28.40 -0.38 -2.09
C PRO A 245 -26.91 -0.47 -2.55
N ALA A 246 -26.53 0.26 -3.62
CA ALA A 246 -25.10 0.37 -3.97
C ALA A 246 -24.23 0.82 -2.78
N ALA A 247 -24.66 1.88 -2.09
CA ALA A 247 -23.89 2.51 -0.99
C ALA A 247 -23.80 1.54 0.19
N LYS A 248 -24.91 0.90 0.53
CA LYS A 248 -24.89 -0.21 1.52
C LYS A 248 -23.97 -1.44 1.15
N MET A 249 -23.99 -1.91 -0.08
CA MET A 249 -23.09 -2.94 -0.54
C MET A 249 -21.67 -2.46 -0.41
N LEU A 250 -21.42 -1.17 -0.70
CA LEU A 250 -20.03 -0.67 -0.63
C LEU A 250 -19.57 -0.62 0.86
N SER A 251 -20.44 -0.11 1.72
CA SER A 251 -20.16 -0.01 3.17
C SER A 251 -19.85 -1.39 3.80
N ASP A 252 -20.49 -2.45 3.32
CA ASP A 252 -20.27 -3.81 3.87
C ASP A 252 -18.94 -4.42 3.47
N LEU A 253 -18.49 -4.09 2.29
CA LEU A 253 -17.10 -4.30 1.93
C LEU A 253 -16.04 -3.49 2.71
N ASP A 254 -16.45 -2.44 3.43
CA ASP A 254 -15.56 -1.58 4.20
C ASP A 254 -14.42 -0.97 3.36
N ILE A 255 -14.79 -0.43 2.20
CA ILE A 255 -13.86 0.33 1.33
C ILE A 255 -13.31 1.54 2.12
N ALA A 256 -12.21 2.11 1.66
CA ALA A 256 -11.48 3.14 2.37
C ALA A 256 -12.27 4.48 2.50
N PHE A 257 -12.91 4.87 1.40
CA PHE A 257 -13.90 5.94 1.34
C PHE A 257 -14.76 5.81 0.10
N LEU A 258 -15.92 6.48 0.14
CA LEU A 258 -16.82 6.69 -0.99
C LEU A 258 -16.81 8.14 -1.31
N GLY A 259 -16.37 8.45 -2.53
CA GLY A 259 -16.58 9.75 -3.03
C GLY A 259 -17.76 9.84 -3.96
N MET A 260 -18.48 10.94 -3.86
CA MET A 260 -19.59 11.14 -4.83
C MET A 260 -19.60 12.60 -5.26
N ARG A 261 -19.81 12.84 -6.55
CA ARG A 261 -20.11 14.15 -7.12
C ARG A 261 -21.62 14.30 -7.18
N GLU A 262 -22.18 15.31 -6.51
CA GLU A 262 -23.62 15.46 -6.52
C GLU A 262 -24.08 16.67 -7.32
N GLY A 263 -24.92 16.42 -8.31
CA GLY A 263 -25.54 17.47 -9.10
C GLY A 263 -26.51 18.32 -8.26
N ALA A 264 -26.88 19.49 -8.79
CA ALA A 264 -27.70 20.46 -8.06
C ALA A 264 -28.65 21.17 -9.05
N VAL A 265 -29.77 21.69 -8.56
CA VAL A 265 -30.71 22.48 -9.40
C VAL A 265 -30.02 23.65 -10.10
N ASP A 266 -29.06 24.25 -9.41
CA ASP A 266 -28.26 25.38 -9.94
C ASP A 266 -26.81 24.94 -10.22
N GLY A 267 -26.61 23.63 -10.51
CA GLY A 267 -25.26 22.99 -10.58
C GLY A 267 -24.40 23.43 -11.76
N THR A 268 -23.11 23.59 -11.51
CA THR A 268 -22.17 24.10 -12.51
C THR A 268 -21.21 23.04 -13.05
N PHE A 269 -21.30 21.81 -12.54
CA PHE A 269 -20.76 20.64 -13.26
C PHE A 269 -21.74 19.45 -13.22
N GLY A 270 -23.01 19.74 -13.46
CA GLY A 270 -24.07 18.76 -13.21
C GLY A 270 -25.31 19.48 -12.69
N LYS A 271 -26.24 19.76 -13.60
CA LYS A 271 -27.47 20.48 -13.31
C LYS A 271 -28.65 19.51 -13.33
N THR A 272 -29.50 19.57 -12.33
CA THR A 272 -30.59 18.57 -12.22
C THR A 272 -31.50 18.96 -11.06
N ASP A 273 -32.76 18.53 -11.12
CA ASP A 273 -33.66 18.56 -9.94
C ASP A 273 -33.79 17.16 -9.32
N GLN A 274 -33.12 16.13 -9.86
CA GLN A 274 -33.01 14.86 -9.12
C GLN A 274 -32.28 15.31 -7.85
N PRO A 275 -32.89 15.12 -6.66
CA PRO A 275 -32.20 15.70 -5.50
C PRO A 275 -30.90 14.95 -5.10
N LYS A 276 -30.08 15.59 -4.27
CA LYS A 276 -28.83 14.96 -3.74
C LYS A 276 -29.18 13.89 -2.72
N LEU A 277 -28.55 12.72 -2.85
CA LEU A 277 -28.90 11.52 -2.05
C LEU A 277 -27.93 11.31 -0.90
N SER A 278 -26.95 12.20 -0.74
CA SER A 278 -26.05 12.03 0.37
C SER A 278 -26.76 11.88 1.74
N PRO A 279 -27.88 12.59 1.96
CA PRO A 279 -28.43 12.41 3.30
C PRO A 279 -28.86 11.02 3.58
N GLU A 280 -29.51 10.41 2.58
CA GLU A 280 -29.95 9.04 2.68
C GLU A 280 -28.76 8.04 2.59
N ILE A 281 -27.78 8.33 1.74
CA ILE A 281 -26.59 7.48 1.63
C ILE A 281 -25.73 7.53 2.89
N ARG A 282 -25.69 8.66 3.60
CA ARG A 282 -24.96 8.76 4.88
C ARG A 282 -25.44 7.70 5.87
N LYS A 283 -26.76 7.55 5.99
CA LYS A 283 -27.31 6.58 6.93
C LYS A 283 -26.96 5.09 6.71
N VAL A 284 -26.64 4.68 5.48
CA VAL A 284 -26.30 3.28 5.17
C VAL A 284 -24.79 3.12 4.92
N PHE A 285 -24.09 4.24 4.71
CA PHE A 285 -22.67 4.14 4.42
C PHE A 285 -21.83 4.61 5.59
N LYS A 286 -21.16 3.65 6.21
CA LYS A 286 -20.46 3.84 7.48
C LYS A 286 -19.05 4.42 7.28
N PRO A 287 -18.30 3.92 6.27
CA PRO A 287 -16.95 4.53 6.14
C PRO A 287 -16.96 5.99 5.75
N PRO A 288 -15.76 6.65 5.71
CA PRO A 288 -15.77 8.06 5.32
C PRO A 288 -16.49 8.34 3.98
N LEU A 289 -17.35 9.39 3.99
CA LEU A 289 -18.18 9.83 2.81
C LEU A 289 -17.64 11.19 2.37
N VAL A 290 -17.09 11.29 1.15
CA VAL A 290 -16.44 12.49 0.67
C VAL A 290 -17.29 13.01 -0.46
N LEU A 291 -17.89 14.19 -0.22
CA LEU A 291 -18.87 14.84 -1.12
C LEU A 291 -18.18 15.88 -2.00
N ASN A 292 -18.75 16.12 -3.20
CA ASN A 292 -18.14 16.99 -4.22
C ASN A 292 -19.19 17.69 -5.09
N GLN A 293 -18.72 18.76 -5.71
CA GLN A 293 -19.36 19.54 -6.79
C GLN A 293 -19.93 20.77 -6.16
N ASP A 294 -19.36 21.91 -6.55
CA ASP A 294 -19.90 23.30 -6.26
C ASP A 294 -19.72 23.80 -4.80
N TYR A 295 -18.87 23.15 -4.02
CA TYR A 295 -18.70 23.52 -2.60
C TYR A 295 -17.84 24.75 -2.58
N THR A 296 -18.26 25.71 -1.76
CA THR A 296 -17.34 26.72 -1.24
C THR A 296 -16.69 26.27 0.08
N PHE A 297 -15.71 27.05 0.53
CA PHE A 297 -15.10 26.86 1.84
C PHE A 297 -16.19 26.81 2.93
N GLU A 298 -17.11 27.75 2.88
CA GLU A 298 -18.23 27.80 3.85
C GLU A 298 -19.22 26.65 3.72
N THR A 299 -19.53 26.21 2.51
CA THR A 299 -20.50 25.11 2.37
C THR A 299 -19.82 23.76 2.70
N ALA A 300 -18.54 23.66 2.36
CA ALA A 300 -17.75 22.46 2.67
C ALA A 300 -17.68 22.28 4.19
N GLN A 301 -17.47 23.36 4.95
CA GLN A 301 -17.33 23.17 6.41
C GLN A 301 -18.70 22.95 7.01
N ALA A 302 -19.74 23.48 6.36
CA ALA A 302 -21.15 23.30 6.80
C ALA A 302 -21.50 21.81 6.69
N ALA A 303 -21.00 21.18 5.63
CA ALA A 303 -21.27 19.76 5.38
C ALA A 303 -20.55 18.87 6.41
N LEU A 304 -19.31 19.19 6.72
CA LEU A 304 -18.59 18.60 7.85
C LEU A 304 -19.29 18.76 9.18
N ASP A 305 -19.66 20.00 9.52
CA ASP A 305 -20.48 20.31 10.71
C ASP A 305 -21.77 19.50 10.84
N SER A 306 -22.52 19.31 9.76
CA SER A 306 -23.72 18.39 9.79
C SER A 306 -23.46 16.88 9.97
N GLY A 307 -22.22 16.47 9.68
CA GLY A 307 -21.80 15.06 9.68
C GLY A 307 -22.10 14.37 8.36
N VAL A 308 -22.78 15.03 7.41
CA VAL A 308 -23.08 14.36 6.14
C VAL A 308 -21.84 14.04 5.28
N ALA A 309 -20.83 14.89 5.37
CA ALA A 309 -19.52 14.70 4.73
C ALA A 309 -18.45 14.50 5.81
N ASP A 310 -17.47 13.63 5.57
CA ASP A 310 -16.32 13.63 6.46
C ASP A 310 -15.19 14.53 5.89
N ALA A 311 -15.08 14.52 4.56
CA ALA A 311 -14.27 15.43 3.79
C ALA A 311 -15.04 15.86 2.53
N ILE A 312 -14.46 16.85 1.85
CA ILE A 312 -15.02 17.42 0.64
C ILE A 312 -13.85 17.48 -0.35
N SER A 313 -14.07 17.07 -1.58
CA SER A 313 -13.06 17.29 -2.63
C SER A 313 -13.36 18.53 -3.40
N PHE A 314 -12.32 19.16 -3.92
CA PHE A 314 -12.51 20.37 -4.70
C PHE A 314 -11.92 20.08 -6.04
N GLY A 315 -12.65 20.45 -7.11
CA GLY A 315 -12.20 20.24 -8.44
C GLY A 315 -11.61 21.47 -9.08
N ARG A 316 -12.47 22.29 -9.69
CA ARG A 316 -11.95 23.42 -10.43
C ARG A 316 -11.13 24.36 -9.51
N PRO A 317 -11.53 24.55 -8.23
CA PRO A 317 -10.65 25.35 -7.35
C PRO A 317 -9.21 24.92 -7.29
N PHE A 318 -8.92 23.63 -7.39
CA PHE A 318 -7.52 23.14 -7.27
C PHE A 318 -6.74 23.32 -8.55
N ILE A 319 -7.48 23.58 -9.62
CA ILE A 319 -6.93 23.80 -10.92
C ILE A 319 -6.15 25.12 -10.89
N GLY A 320 -6.78 26.20 -10.43
CA GLY A 320 -6.13 27.49 -10.38
C GLY A 320 -5.56 27.91 -9.05
N ASN A 321 -5.80 27.09 -8.02
CA ASN A 321 -5.41 27.40 -6.65
C ASN A 321 -4.59 26.30 -6.00
N PRO A 322 -3.28 26.19 -6.40
CA PRO A 322 -2.39 25.11 -5.99
C PRO A 322 -2.59 24.83 -4.48
N ASP A 323 -2.59 25.92 -3.72
CA ASP A 323 -2.54 25.95 -2.25
C ASP A 323 -3.87 26.41 -1.68
N LEU A 324 -4.94 25.73 -2.13
CA LEU A 324 -6.29 26.04 -1.73
C LEU A 324 -6.47 26.15 -0.20
N PRO A 325 -6.01 25.13 0.53
CA PRO A 325 -6.19 25.13 1.96
C PRO A 325 -5.65 26.39 2.59
N ARG A 326 -4.55 26.94 2.08
CA ARG A 326 -3.97 28.10 2.68
C ARG A 326 -4.77 29.34 2.39
N ARG A 327 -5.23 29.43 1.14
CA ARG A 327 -6.08 30.49 0.66
C ARG A 327 -7.39 30.45 1.45
N PHE A 328 -7.81 29.26 1.84
CA PHE A 328 -9.00 29.24 2.66
C PHE A 328 -8.78 29.97 3.97
N PHE A 329 -7.80 29.52 4.75
CA PHE A 329 -7.70 30.08 6.08
C PHE A 329 -7.21 31.52 6.03
N GLU A 330 -6.44 31.88 4.99
CA GLU A 330 -5.99 33.26 4.89
C GLU A 330 -7.09 34.21 4.43
N LYS A 331 -8.22 33.68 3.97
CA LYS A 331 -9.30 34.46 3.31
C LYS A 331 -8.80 35.18 2.06
N ALA A 332 -8.00 34.43 1.30
CA ALA A 332 -7.37 34.91 0.08
C ALA A 332 -8.26 34.61 -1.13
N PRO A 333 -8.38 35.60 -2.05
CA PRO A 333 -9.17 35.35 -3.25
C PRO A 333 -8.65 34.15 -4.02
N LEU A 334 -9.59 33.37 -4.53
CA LEU A 334 -9.32 32.22 -5.37
C LEU A 334 -9.11 32.69 -6.80
N THR A 335 -8.05 32.20 -7.40
CA THR A 335 -7.83 32.44 -8.79
C THR A 335 -8.87 31.60 -9.55
N LYS A 336 -9.37 32.18 -10.61
CA LYS A 336 -10.29 31.45 -11.47
C LYS A 336 -9.52 30.61 -12.48
N ASP A 337 -10.02 29.40 -12.72
CA ASP A 337 -9.43 28.46 -13.68
C ASP A 337 -9.82 28.82 -15.13
N VAL A 338 -8.88 28.64 -16.03
CA VAL A 338 -9.10 28.97 -17.42
C VAL A 338 -9.67 27.73 -18.12
N ILE A 339 -10.96 27.76 -18.42
CA ILE A 339 -11.63 26.61 -19.02
C ILE A 339 -10.94 26.08 -20.30
N GLU A 340 -10.45 26.99 -21.13
CA GLU A 340 -9.82 26.61 -22.41
C GLU A 340 -8.61 25.73 -22.20
N THR A 341 -7.92 25.91 -21.06
CA THR A 341 -6.72 25.14 -20.79
C THR A 341 -6.92 23.93 -19.86
N TRP A 342 -8.18 23.57 -19.64
CA TRP A 342 -8.48 22.35 -18.86
C TRP A 342 -7.85 21.14 -19.42
N TYR A 343 -7.98 21.01 -20.76
CA TYR A 343 -7.60 19.85 -21.53
C TYR A 343 -6.69 20.10 -22.71
N THR A 344 -6.06 21.25 -22.81
CA THR A 344 -5.00 21.39 -23.80
C THR A 344 -3.80 20.56 -23.37
N GLN A 345 -2.71 20.61 -24.14
CA GLN A 345 -1.59 19.67 -23.96
C GLN A 345 -0.30 20.27 -23.27
N THR A 346 -0.19 21.58 -23.08
CA THR A 346 1.06 22.18 -22.63
C THR A 346 1.00 22.64 -21.15
N PRO A 347 2.12 23.15 -20.60
CA PRO A 347 2.10 23.73 -19.23
C PRO A 347 1.23 24.97 -18.98
N LYS A 348 0.80 25.69 -20.02
CA LYS A 348 -0.01 26.89 -19.86
C LYS A 348 -1.37 26.50 -19.28
N GLY A 349 -1.80 27.18 -18.22
CA GLY A 349 -3.05 26.83 -17.51
C GLY A 349 -2.97 25.44 -16.86
N TYR A 350 -1.76 25.00 -16.50
CA TYR A 350 -1.59 23.67 -15.90
C TYR A 350 -0.65 23.75 -14.69
N THR A 351 0.61 24.14 -14.92
CA THR A 351 1.60 24.32 -13.80
C THR A 351 2.02 25.80 -13.56
N ASP A 352 1.40 26.73 -14.29
CA ASP A 352 1.76 28.14 -14.22
C ASP A 352 0.83 29.05 -13.37
N TYR A 353 -0.08 28.43 -12.62
CA TYR A 353 -0.86 29.15 -11.61
C TYR A 353 -0.03 29.36 -10.34
N PRO A 354 0.16 30.63 -9.96
CA PRO A 354 0.97 30.93 -8.80
C PRO A 354 0.37 30.39 -7.49
N LEU A 355 1.26 29.93 -6.64
CA LEU A 355 0.97 29.72 -5.23
C LEU A 355 0.85 31.09 -4.56
N LEU A 356 0.35 31.13 -3.33
CA LEU A 356 0.32 32.39 -2.56
C LEU A 356 1.75 32.84 -2.23
N PRO B 2 21.20 14.23 10.67
CA PRO B 2 19.86 14.05 11.21
C PRO B 2 19.83 13.62 12.68
N SER B 3 18.98 14.31 13.45
CA SER B 3 18.50 13.88 14.76
C SER B 3 17.74 12.55 14.53
N LEU B 4 17.90 11.64 15.50
CA LEU B 4 17.00 10.53 15.67
C LEU B 4 15.54 11.02 15.86
N PHE B 5 15.37 12.30 16.26
CA PHE B 5 14.04 12.90 16.35
C PHE B 5 13.42 13.44 15.01
N ASP B 6 14.26 13.72 14.00
CA ASP B 6 13.80 14.21 12.68
C ASP B 6 13.03 13.15 11.90
N PRO B 7 11.97 13.55 11.18
CA PRO B 7 11.24 12.58 10.34
C PRO B 7 12.10 12.05 9.20
N ILE B 8 11.61 11.02 8.52
CA ILE B 8 12.38 10.36 7.46
C ILE B 8 11.48 9.77 6.37
N ARG B 9 11.80 10.13 5.13
CA ARG B 9 11.11 9.58 3.99
C ARG B 9 11.74 8.24 3.63
N PHE B 10 10.89 7.22 3.47
CA PHE B 10 11.33 5.96 2.92
C PHE B 10 10.13 5.42 2.16
N GLY B 11 10.35 4.88 0.98
CA GLY B 11 9.24 4.31 0.22
C GLY B 11 8.15 5.33 -0.01
N ALA B 12 6.89 4.95 0.27
CA ALA B 12 5.70 5.82 0.14
C ALA B 12 5.34 6.57 1.43
N PHE B 13 6.24 6.62 2.41
CA PHE B 13 5.94 7.13 3.73
C PHE B 13 6.92 8.22 4.22
N THR B 14 6.46 8.99 5.21
CA THR B 14 7.33 9.68 6.16
C THR B 14 7.06 9.12 7.58
N ALA B 15 8.08 8.42 8.09
CA ALA B 15 8.21 8.13 9.52
C ALA B 15 8.42 9.45 10.24
N LYS B 16 7.76 9.59 11.37
CA LYS B 16 7.80 10.79 12.19
C LYS B 16 9.08 10.90 12.98
N ASN B 17 9.82 9.79 13.01
CA ASN B 17 11.16 9.77 13.56
C ASN B 17 12.00 8.60 13.04
N ARG B 18 13.27 8.63 13.42
CA ARG B 18 14.22 7.61 13.01
C ARG B 18 14.54 6.65 14.11
N ILE B 19 13.63 6.57 15.09
CA ILE B 19 13.70 5.65 16.24
C ILE B 19 12.70 4.48 16.00
N TRP B 20 13.19 3.44 15.34
CA TRP B 20 12.38 2.37 14.77
C TRP B 20 12.35 1.17 15.71
N MET B 21 11.27 0.40 15.62
CA MET B 21 11.11 -0.73 16.51
C MET B 21 11.49 -1.96 15.69
N ALA B 22 12.51 -2.69 16.18
CA ALA B 22 13.05 -3.86 15.49
C ALA B 22 12.04 -4.98 15.59
N PRO B 23 12.08 -5.89 14.62
CA PRO B 23 11.19 -7.05 14.63
C PRO B 23 11.47 -7.96 15.83
N LEU B 24 10.42 -8.40 16.50
CA LEU B 24 10.51 -9.03 17.82
C LEU B 24 9.38 -10.06 18.00
N THR B 25 9.75 -11.31 17.79
CA THR B 25 8.98 -12.53 18.06
C THR B 25 8.70 -12.60 19.53
N ARG B 26 7.41 -12.68 19.86
CA ARG B 26 6.88 -12.68 21.22
C ARG B 26 6.03 -13.90 21.61
N GLY B 27 5.51 -14.65 20.64
CA GLY B 27 4.71 -15.84 20.94
C GLY B 27 3.41 -15.58 21.60
N ARG B 28 2.76 -14.47 21.25
CA ARG B 28 1.41 -14.15 21.77
C ARG B 28 0.28 -14.49 20.81
N ALA B 29 0.60 -15.08 19.64
CA ALA B 29 -0.40 -15.72 18.80
C ALA B 29 -0.97 -17.02 19.45
N THR B 30 -1.91 -17.63 18.75
CA THR B 30 -2.57 -18.88 19.14
C THR B 30 -1.67 -20.06 18.79
N ARG B 31 -1.98 -21.20 19.40
CA ARG B 31 -1.31 -22.42 19.03
C ARG B 31 -1.36 -22.59 17.50
N ASP B 32 -2.46 -22.14 16.88
CA ASP B 32 -2.69 -22.28 15.45
C ASP B 32 -2.00 -21.16 14.66
N HIS B 33 -1.11 -20.40 15.30
CA HIS B 33 -0.42 -19.27 14.63
C HIS B 33 -1.33 -18.18 14.13
N VAL B 34 -2.45 -17.98 14.82
CA VAL B 34 -3.39 -16.86 14.51
C VAL B 34 -3.27 -15.70 15.55
N PRO B 35 -3.17 -14.43 15.09
CA PRO B 35 -3.07 -13.29 15.97
C PRO B 35 -4.21 -13.22 16.97
N THR B 36 -3.95 -12.55 18.08
CA THR B 36 -4.84 -12.45 19.25
C THR B 36 -5.15 -10.98 19.65
N GLU B 37 -6.25 -10.79 20.40
CA GLU B 37 -6.74 -9.45 20.76
C GLU B 37 -5.67 -8.63 21.44
N ILE B 38 -4.90 -9.33 22.29
CA ILE B 38 -3.87 -8.74 23.12
C ILE B 38 -2.74 -8.14 22.29
N MET B 39 -2.59 -8.60 21.06
CA MET B 39 -1.52 -8.04 20.23
C MET B 39 -1.77 -6.61 19.74
N ALA B 40 -3.03 -6.18 19.63
CA ALA B 40 -3.39 -4.84 19.15
C ALA B 40 -2.91 -3.76 20.13
N GLU B 41 -3.17 -4.01 21.42
CA GLU B 41 -2.70 -3.15 22.49
C GLU B 41 -1.20 -2.99 22.50
N TYR B 42 -0.49 -4.12 22.37
CA TYR B 42 1.00 -4.16 22.42
C TYR B 42 1.55 -3.27 21.33
N TYR B 43 0.97 -3.39 20.14
CA TYR B 43 1.38 -2.54 19.02
C TYR B 43 0.93 -1.06 19.18
N ALA B 44 -0.29 -0.80 19.64
CA ALA B 44 -0.68 0.59 19.90
C ALA B 44 0.28 1.28 20.88
N GLN B 45 0.76 0.54 21.88
CA GLN B 45 1.54 1.10 22.99
C GLN B 45 2.87 1.69 22.45
N ARG B 46 3.35 1.09 21.36
CA ARG B 46 4.65 1.41 20.73
C ARG B 46 4.54 2.14 19.41
N ALA B 47 3.37 2.69 19.15
CA ALA B 47 3.13 3.28 17.82
C ALA B 47 3.92 4.53 17.58
N SER B 48 4.52 5.10 18.61
CA SER B 48 5.32 6.28 18.43
C SER B 48 6.67 5.97 17.80
N ALA B 49 7.02 4.67 17.67
CA ALA B 49 8.13 4.19 16.81
C ALA B 49 7.96 4.75 15.41
N GLY B 50 8.98 5.39 14.85
CA GLY B 50 8.86 5.92 13.50
C GLY B 50 8.27 4.93 12.53
N LEU B 51 8.78 3.71 12.64
CA LEU B 51 8.20 2.54 12.02
C LEU B 51 8.25 1.36 13.00
N ILE B 52 7.15 0.63 13.08
CA ILE B 52 7.26 -0.69 13.63
C ILE B 52 7.51 -1.72 12.56
N ILE B 53 8.59 -2.52 12.71
CA ILE B 53 8.72 -3.79 11.95
C ILE B 53 8.09 -4.88 12.82
N SER B 54 7.02 -5.49 12.33
CA SER B 54 6.39 -6.50 13.19
C SER B 54 7.32 -7.68 13.56
N GLU B 55 6.94 -8.39 14.62
CA GLU B 55 7.41 -9.74 14.82
C GLU B 55 7.35 -10.51 13.52
N ALA B 56 8.25 -11.48 13.44
CA ALA B 56 8.42 -12.32 12.26
C ALA B 56 7.13 -13.07 12.07
N THR B 57 6.65 -13.13 10.83
CA THR B 57 5.34 -13.68 10.61
C THR B 57 5.46 -14.64 9.47
N GLY B 58 4.97 -15.87 9.72
CA GLY B 58 5.12 -17.01 8.83
C GLY B 58 4.37 -16.90 7.52
N ILE B 59 5.04 -17.24 6.39
CA ILE B 59 4.43 -17.24 5.05
C ILE B 59 3.71 -18.53 4.70
N SER B 60 4.03 -19.59 5.44
CA SER B 60 3.42 -20.90 5.29
C SER B 60 3.63 -21.71 6.57
N GLN B 61 2.86 -22.78 6.78
CA GLN B 61 3.23 -23.69 7.87
C GLN B 61 4.64 -24.27 7.73
N GLU B 62 5.00 -24.64 6.50
CA GLU B 62 6.32 -25.14 6.17
C GLU B 62 7.46 -24.32 6.80
N GLY B 63 7.37 -23.00 6.62
CA GLY B 63 8.36 -22.04 7.12
C GLY B 63 8.09 -21.48 8.51
N LEU B 64 7.01 -21.94 9.17
CA LEU B 64 6.76 -21.49 10.51
C LEU B 64 6.84 -22.57 11.59
N GLY B 65 7.92 -22.50 12.39
CA GLY B 65 8.25 -23.49 13.44
C GLY B 65 8.37 -22.89 14.85
N TRP B 66 7.91 -21.64 15.02
CA TRP B 66 8.02 -20.95 16.31
C TRP B 66 6.75 -21.08 17.07
N PRO B 67 6.81 -21.73 18.24
CA PRO B 67 5.57 -21.89 19.00
C PRO B 67 4.85 -20.56 19.30
N TYR B 68 3.55 -20.53 18.97
CA TYR B 68 2.71 -19.38 19.20
C TYR B 68 3.21 -18.15 18.44
N ALA B 69 4.02 -18.36 17.40
CA ALA B 69 4.22 -17.22 16.46
C ALA B 69 3.07 -17.11 15.47
N PRO B 70 2.85 -15.91 14.95
CA PRO B 70 1.76 -15.72 14.02
C PRO B 70 2.13 -16.01 12.57
N GLY B 71 1.13 -16.37 11.78
CA GLY B 71 1.25 -16.52 10.33
C GLY B 71 0.38 -15.54 9.53
N ILE B 72 0.51 -15.51 8.22
CA ILE B 72 -0.35 -14.65 7.40
C ILE B 72 -0.75 -15.40 6.12
N TRP B 73 -0.69 -16.72 6.10
CA TRP B 73 -1.09 -17.49 4.88
C TRP B 73 -2.57 -17.71 4.70
N SER B 74 -3.32 -17.55 5.79
CA SER B 74 -4.77 -17.80 5.76
C SER B 74 -5.67 -16.54 5.98
N ASP B 75 -6.88 -16.60 5.41
CA ASP B 75 -7.92 -15.60 5.58
C ASP B 75 -8.18 -15.29 7.08
N ALA B 76 -8.39 -16.34 7.87
CA ALA B 76 -8.38 -16.27 9.34
C ALA B 76 -7.26 -15.38 9.94
N GLN B 77 -6.01 -15.71 9.56
CA GLN B 77 -4.83 -14.98 10.00
C GLN B 77 -4.91 -13.50 9.61
N VAL B 78 -5.24 -13.23 8.35
CA VAL B 78 -5.44 -11.87 7.85
C VAL B 78 -6.50 -11.10 8.66
N GLU B 79 -7.63 -11.74 8.87
CA GLU B 79 -8.68 -11.05 9.57
C GLU B 79 -8.26 -10.77 11.00
N ALA B 80 -7.46 -11.64 11.64
CA ALA B 80 -7.01 -11.47 13.02
C ALA B 80 -5.92 -10.38 13.15
N TRP B 81 -5.25 -10.12 12.03
CA TRP B 81 -4.27 -9.04 11.94
C TRP B 81 -4.90 -7.65 11.92
N LEU B 82 -6.16 -7.54 11.53
CA LEU B 82 -6.79 -6.21 11.36
C LEU B 82 -6.78 -5.20 12.54
N PRO B 83 -7.18 -5.62 13.76
CA PRO B 83 -7.18 -4.62 14.83
C PRO B 83 -5.80 -4.14 15.18
N ILE B 84 -4.76 -4.94 14.90
CA ILE B 84 -3.36 -4.48 15.15
C ILE B 84 -2.94 -3.37 14.23
N THR B 85 -3.16 -3.55 12.93
CA THR B 85 -2.76 -2.53 11.98
C THR B 85 -3.75 -1.35 12.12
N GLN B 86 -5.04 -1.66 12.34
CA GLN B 86 -5.95 -0.61 12.72
C GLN B 86 -5.44 0.20 13.95
N ALA B 87 -5.03 -0.48 15.02
CA ALA B 87 -4.53 0.14 16.26
C ALA B 87 -3.30 1.05 16.04
N VAL B 88 -2.31 0.57 15.27
CA VAL B 88 -1.09 1.38 15.01
C VAL B 88 -1.46 2.66 14.23
N HIS B 89 -2.28 2.48 13.20
CA HIS B 89 -2.76 3.62 12.42
C HIS B 89 -3.67 4.57 13.18
N ASP B 90 -4.43 4.07 14.16
CA ASP B 90 -5.27 4.93 14.97
C ASP B 90 -4.42 5.79 15.84
N ALA B 91 -3.22 5.31 16.10
CA ALA B 91 -2.25 5.99 16.92
C ALA B 91 -1.24 6.71 16.04
N GLY B 92 -1.48 6.75 14.74
CA GLY B 92 -0.65 7.60 13.87
C GLY B 92 0.62 6.99 13.38
N GLY B 93 0.74 5.68 13.49
CA GLY B 93 2.03 4.96 13.40
C GLY B 93 2.16 4.34 12.03
N LEU B 94 3.24 3.62 11.80
CA LEU B 94 3.38 2.81 10.61
C LEU B 94 3.84 1.41 11.07
N ILE B 95 3.37 0.41 10.36
CA ILE B 95 3.78 -0.97 10.62
C ILE B 95 4.01 -1.77 9.32
N PHE B 96 5.17 -2.41 9.23
CA PHE B 96 5.53 -3.31 8.14
C PHE B 96 5.50 -4.70 8.71
N ALA B 97 4.91 -5.65 7.96
CA ALA B 97 4.86 -7.07 8.28
C ALA B 97 6.21 -7.70 7.99
N GLN B 98 6.86 -8.31 8.98
CA GLN B 98 8.13 -8.98 8.67
C GLN B 98 7.81 -10.40 8.20
N LEU B 99 7.89 -10.65 6.90
CA LEU B 99 7.56 -12.00 6.33
C LEU B 99 8.67 -13.01 6.58
N TRP B 100 8.33 -14.15 7.18
CA TRP B 100 9.26 -15.22 7.64
C TRP B 100 9.17 -16.58 7.01
N HIS B 101 10.32 -17.13 6.62
CA HIS B 101 10.47 -18.55 6.39
C HIS B 101 11.65 -18.94 7.21
N MET B 102 11.42 -19.83 8.18
CA MET B 102 12.45 -20.28 9.11
C MET B 102 13.47 -21.33 8.72
N GLY B 103 13.22 -21.98 7.56
CA GLY B 103 14.11 -22.88 6.90
C GLY B 103 14.34 -24.13 7.72
N ARG B 104 15.59 -24.52 7.82
CA ARG B 104 16.00 -25.69 8.55
C ARG B 104 15.74 -25.48 10.07
N MET B 105 15.39 -24.22 10.44
CA MET B 105 15.12 -23.89 11.84
C MET B 105 13.71 -24.30 12.27
N VAL B 106 12.92 -24.89 11.36
CA VAL B 106 11.53 -25.35 11.68
C VAL B 106 11.48 -26.74 12.30
N PRO B 107 11.08 -26.82 13.59
CA PRO B 107 10.87 -28.11 14.22
C PRO B 107 9.58 -28.72 13.75
N SER B 108 9.70 -29.98 13.30
CA SER B 108 8.62 -30.72 12.71
C SER B 108 7.59 -31.04 13.74
N ASN B 109 8.00 -31.14 15.01
CA ASN B 109 7.01 -31.08 16.14
C ASN B 109 6.11 -29.84 16.13
N VAL B 110 6.57 -28.70 15.59
CA VAL B 110 5.71 -27.50 15.46
C VAL B 110 5.00 -27.46 14.12
N SER B 111 5.73 -27.77 13.05
CA SER B 111 5.18 -27.59 11.73
C SER B 111 4.37 -28.82 11.24
N GLY B 112 4.67 -30.03 11.74
CA GLY B 112 4.08 -31.29 11.24
C GLY B 112 4.72 -31.83 9.98
N MET B 113 5.76 -31.14 9.53
CA MET B 113 6.37 -31.31 8.21
C MET B 113 7.89 -31.26 8.39
N GLN B 114 8.63 -31.84 7.45
CA GLN B 114 10.08 -31.84 7.56
C GLN B 114 10.49 -30.42 7.16
N PRO B 115 11.42 -29.79 7.90
CA PRO B 115 11.94 -28.49 7.43
C PRO B 115 12.64 -28.58 6.10
N VAL B 116 12.88 -27.44 5.47
CA VAL B 116 13.50 -27.43 4.13
C VAL B 116 14.70 -26.51 4.25
N ALA B 117 15.59 -26.52 3.29
CA ALA B 117 16.73 -25.63 3.37
C ALA B 117 17.36 -25.64 1.99
N PRO B 118 18.39 -24.81 1.76
CA PRO B 118 19.02 -24.95 0.44
C PRO B 118 19.67 -26.31 0.21
N SER B 119 20.24 -26.86 1.29
CA SER B 119 20.91 -28.12 1.36
C SER B 119 20.57 -28.88 2.67
N ALA B 120 20.43 -30.18 2.51
CA ALA B 120 20.37 -31.13 3.61
C ALA B 120 21.45 -30.77 4.64
N SER B 121 21.04 -30.63 5.87
CA SER B 121 21.94 -30.23 6.96
C SER B 121 21.02 -30.33 8.17
N GLN B 122 21.56 -30.17 9.38
CA GLN B 122 20.81 -30.19 10.63
C GLN B 122 21.40 -29.09 11.52
N ALA B 123 20.60 -28.08 11.85
CA ALA B 123 21.03 -26.97 12.70
C ALA B 123 21.56 -27.48 14.06
N PRO B 124 22.49 -26.76 14.68
CA PRO B 124 22.95 -27.08 16.04
C PRO B 124 21.97 -26.72 17.15
N GLY B 125 22.24 -27.31 18.30
CA GLY B 125 21.64 -26.92 19.57
C GLY B 125 20.20 -27.34 19.72
N LEU B 126 19.43 -26.49 20.41
CA LEU B 126 18.08 -26.80 20.79
C LEU B 126 17.10 -25.63 20.45
N GLY B 127 15.91 -26.03 20.04
CA GLY B 127 14.94 -25.11 19.45
C GLY B 127 13.67 -25.22 20.25
N HIS B 128 12.85 -24.18 20.18
CA HIS B 128 11.57 -24.15 20.91
C HIS B 128 10.58 -25.07 20.25
N THR B 129 9.83 -25.82 21.05
CA THR B 129 8.66 -26.48 20.53
C THR B 129 7.48 -26.36 21.49
N TYR B 130 6.39 -27.04 21.15
CA TYR B 130 5.21 -27.00 21.96
C TYR B 130 5.32 -27.95 23.17
N ASP B 131 6.48 -28.58 23.29
CA ASP B 131 6.75 -29.48 24.41
C ASP B 131 8.24 -29.60 24.65
N GLY B 132 8.85 -28.52 25.09
CA GLY B 132 10.23 -28.55 25.53
C GLY B 132 11.11 -28.16 24.36
N LYS B 133 12.36 -27.79 24.66
CA LYS B 133 13.31 -27.46 23.61
C LYS B 133 13.97 -28.77 23.15
N LYS B 134 13.92 -29.04 21.84
CA LYS B 134 14.28 -30.32 21.26
C LYS B 134 15.36 -30.06 20.21
N PRO B 135 16.30 -31.01 20.04
CA PRO B 135 17.26 -30.93 18.94
C PRO B 135 16.58 -30.63 17.61
N TYR B 136 17.24 -29.88 16.73
CA TYR B 136 16.62 -29.63 15.44
C TYR B 136 16.68 -30.91 14.54
N ASP B 137 15.79 -30.89 13.55
CA ASP B 137 15.56 -32.03 12.68
C ASP B 137 16.46 -31.91 11.49
N VAL B 138 16.77 -33.03 10.84
CA VAL B 138 17.46 -32.98 9.57
C VAL B 138 16.54 -32.40 8.54
N ALA B 139 17.02 -31.33 7.89
CA ALA B 139 16.30 -30.64 6.83
C ALA B 139 16.58 -31.22 5.42
N ARG B 140 15.55 -31.17 4.57
CA ARG B 140 15.64 -31.65 3.19
C ARG B 140 16.07 -30.48 2.33
N ALA B 141 16.89 -30.76 1.33
CA ALA B 141 17.18 -29.75 0.31
C ALA B 141 15.91 -29.57 -0.54
N LEU B 142 15.38 -28.34 -0.59
CA LEU B 142 14.38 -27.94 -1.61
C LEU B 142 14.88 -28.28 -3.03
N ARG B 143 14.03 -28.94 -3.82
CA ARG B 143 14.31 -29.14 -5.27
C ARG B 143 14.26 -27.81 -6.02
N LEU B 144 15.12 -27.64 -7.03
CA LEU B 144 15.05 -26.44 -7.88
C LEU B 144 13.62 -26.25 -8.41
N ASP B 145 12.89 -27.34 -8.68
CA ASP B 145 11.52 -27.27 -9.21
C ASP B 145 10.44 -26.84 -8.20
N GLU B 146 10.83 -26.63 -6.94
CA GLU B 146 9.90 -26.12 -5.90
C GLU B 146 10.07 -24.62 -5.58
N ILE B 147 11.10 -23.99 -6.13
CA ILE B 147 11.38 -22.60 -5.90
C ILE B 147 10.19 -21.76 -6.41
N PRO B 148 9.63 -22.12 -7.57
CA PRO B 148 8.44 -21.40 -8.01
C PRO B 148 7.31 -21.46 -7.01
N ARG B 149 7.10 -22.58 -6.33
CA ARG B 149 6.06 -22.73 -5.28
C ARG B 149 6.41 -21.88 -4.05
N LEU B 150 7.71 -21.78 -3.69
CA LEU B 150 8.17 -20.83 -2.61
C LEU B 150 7.93 -19.37 -2.98
N LEU B 151 8.28 -19.01 -4.21
CA LEU B 151 8.08 -17.63 -4.67
C LEU B 151 6.59 -17.26 -4.62
N ASP B 152 5.75 -18.22 -5.00
CA ASP B 152 4.29 -18.10 -4.88
C ASP B 152 3.88 -17.90 -3.43
N ASP B 153 4.50 -18.68 -2.53
CA ASP B 153 4.17 -18.57 -1.12
C ASP B 153 4.49 -17.16 -0.58
N TYR B 154 5.59 -16.57 -1.04
CA TYR B 154 5.90 -15.15 -0.68
C TYR B 154 4.95 -14.12 -1.30
N GLU B 155 4.67 -14.24 -2.59
CA GLU B 155 3.66 -13.43 -3.26
C GLU B 155 2.36 -13.37 -2.47
N LYS B 156 1.89 -14.53 -2.07
CA LYS B 156 0.63 -14.62 -1.38
CA LYS B 156 0.63 -14.64 -1.39
C LYS B 156 0.67 -13.97 -0.01
N ALA B 157 1.73 -14.22 0.76
CA ALA B 157 1.91 -13.54 2.05
C ALA B 157 1.92 -12.02 1.98
N ALA B 158 2.65 -11.47 1.01
CA ALA B 158 2.80 -10.06 0.80
C ALA B 158 1.45 -9.37 0.50
N ARG B 159 0.66 -10.02 -0.35
CA ARG B 159 -0.66 -9.60 -0.79
C ARG B 159 -1.58 -9.66 0.44
N HIS B 160 -1.44 -10.71 1.22
CA HIS B 160 -2.20 -10.80 2.48
C HIS B 160 -1.84 -9.73 3.46
N ALA B 161 -0.56 -9.36 3.57
CA ALA B 161 -0.16 -8.19 4.43
C ALA B 161 -0.95 -6.93 4.03
N LEU B 162 -1.10 -6.74 2.74
CA LEU B 162 -1.82 -5.54 2.21
C LEU B 162 -3.27 -5.62 2.68
N LYS B 163 -3.83 -6.81 2.60
CA LYS B 163 -5.23 -7.07 2.93
C LYS B 163 -5.46 -6.93 4.43
N ALA B 164 -4.37 -7.14 5.19
CA ALA B 164 -4.39 -7.11 6.63
C ALA B 164 -4.21 -5.66 7.12
N GLY B 165 -3.87 -4.75 6.19
CA GLY B 165 -3.74 -3.35 6.54
C GLY B 165 -2.34 -2.90 6.87
N PHE B 166 -1.35 -3.79 6.79
CA PHE B 166 0.06 -3.39 7.01
C PHE B 166 0.44 -2.37 5.95
N ASP B 167 1.40 -1.52 6.30
CA ASP B 167 1.87 -0.54 5.32
C ASP B 167 2.82 -1.13 4.32
N GLY B 168 3.44 -2.23 4.69
CA GLY B 168 4.46 -2.83 3.88
C GLY B 168 4.98 -4.11 4.46
N VAL B 169 6.04 -4.58 3.85
CA VAL B 169 6.70 -5.80 4.32
C VAL B 169 8.19 -5.71 4.32
N GLN B 170 8.75 -6.41 5.31
CA GLN B 170 10.17 -6.68 5.40
C GLN B 170 10.32 -8.19 5.27
N ILE B 171 11.03 -8.53 4.21
CA ILE B 171 11.45 -9.85 3.88
C ILE B 171 12.58 -10.31 4.79
N HIS B 172 12.30 -11.21 5.71
CA HIS B 172 13.33 -11.67 6.62
C HIS B 172 14.39 -12.50 5.94
N ALA B 173 15.57 -11.92 5.60
CA ALA B 173 16.63 -12.60 4.91
C ALA B 173 17.82 -12.77 5.84
N ALA B 174 17.56 -12.89 7.14
CA ALA B 174 18.59 -12.80 8.18
C ALA B 174 18.59 -13.94 9.21
N ASN B 175 19.57 -13.89 10.10
CA ASN B 175 19.58 -14.71 11.33
C ASN B 175 19.49 -16.20 11.20
N GLY B 176 20.12 -16.75 10.18
CA GLY B 176 20.16 -18.18 9.99
C GLY B 176 18.87 -18.83 9.48
N TYR B 177 17.90 -18.02 9.04
CA TYR B 177 16.64 -18.58 8.58
C TYR B 177 16.75 -18.88 7.10
N LEU B 178 15.65 -19.08 6.37
CA LEU B 178 15.77 -19.76 5.03
C LEU B 178 16.65 -19.03 3.97
N ILE B 179 16.38 -17.75 3.71
CA ILE B 179 17.07 -16.97 2.65
C ILE B 179 18.54 -16.81 2.97
N ASP B 180 18.83 -16.54 4.26
CA ASP B 180 20.18 -16.44 4.84
C ASP B 180 20.92 -17.76 4.68
N GLU B 181 20.21 -18.88 4.73
CA GLU B 181 20.83 -20.21 4.56
C GLU B 181 21.33 -20.43 3.10
N PHE B 182 20.53 -19.93 2.13
CA PHE B 182 20.95 -19.77 0.76
C PHE B 182 22.08 -18.78 0.54
N ILE B 183 22.12 -17.65 1.26
CA ILE B 183 23.14 -16.58 1.02
C ILE B 183 24.56 -17.02 1.41
N ARG B 184 24.67 -17.73 2.53
CA ARG B 184 25.95 -17.92 3.16
C ARG B 184 26.44 -19.31 2.85
N ASP B 185 27.76 -19.45 2.78
CA ASP B 185 28.40 -20.70 2.35
C ASP B 185 28.52 -21.83 3.37
N SER B 186 28.24 -21.56 4.64
CA SER B 186 28.27 -22.66 5.63
C SER B 186 27.06 -23.59 5.40
N THR B 187 25.93 -23.01 4.98
CA THR B 187 24.72 -23.79 4.77
C THR B 187 24.32 -24.07 3.30
N ASN B 188 24.73 -23.25 2.34
CA ASN B 188 24.33 -23.51 0.93
C ASN B 188 25.45 -24.28 0.25
N HIS B 189 25.18 -25.56 -0.03
CA HIS B 189 26.05 -26.44 -0.83
C HIS B 189 25.41 -26.83 -2.13
N ARG B 190 24.55 -25.98 -2.71
CA ARG B 190 23.93 -26.32 -3.99
C ARG B 190 24.89 -26.18 -5.17
N HIS B 191 24.65 -27.00 -6.19
CA HIS B 191 25.42 -26.94 -7.44
C HIS B 191 24.52 -26.73 -8.62
N ASP B 192 23.36 -26.09 -8.37
CA ASP B 192 22.47 -25.57 -9.45
C ASP B 192 22.60 -24.02 -9.49
N GLU B 193 21.70 -23.31 -10.16
CA GLU B 193 21.76 -21.84 -10.24
C GLU B 193 21.49 -21.12 -8.91
N TYR B 194 21.03 -21.85 -7.88
CA TYR B 194 20.87 -21.27 -6.58
C TYR B 194 22.04 -21.55 -5.60
N GLY B 195 23.14 -22.15 -6.06
CA GLY B 195 24.28 -22.41 -5.17
C GLY B 195 25.62 -22.07 -5.80
N GLY B 196 26.62 -21.87 -4.95
CA GLY B 196 28.01 -21.74 -5.41
C GLY B 196 28.49 -20.32 -5.56
N ALA B 197 28.53 -19.83 -6.81
CA ALA B 197 28.78 -18.41 -7.10
C ALA B 197 27.97 -17.42 -6.21
N VAL B 198 28.54 -16.25 -5.92
CA VAL B 198 27.82 -15.19 -5.19
C VAL B 198 26.52 -14.77 -5.94
N GLU B 199 26.58 -14.68 -7.29
CA GLU B 199 25.33 -14.42 -8.11
C GLU B 199 24.24 -15.46 -7.80
N ASN B 200 24.66 -16.72 -7.69
CA ASN B 200 23.71 -17.81 -7.46
C ASN B 200 23.14 -17.79 -6.03
N ARG B 201 24.02 -17.54 -5.05
CA ARG B 201 23.64 -17.55 -3.60
C ARG B 201 22.75 -16.36 -3.16
N ILE B 202 22.81 -15.24 -3.89
CA ILE B 202 21.94 -14.09 -3.67
C ILE B 202 20.65 -14.11 -4.58
N ARG B 203 20.63 -14.99 -5.59
CA ARG B 203 19.50 -15.20 -6.49
C ARG B 203 18.15 -15.53 -5.83
N LEU B 204 18.10 -16.28 -4.73
CA LEU B 204 16.80 -16.53 -4.10
C LEU B 204 16.27 -15.22 -3.47
N LEU B 205 17.11 -14.52 -2.72
CA LEU B 205 16.80 -13.17 -2.20
C LEU B 205 16.35 -12.22 -3.31
N LYS B 206 17.12 -12.13 -4.39
CA LYS B 206 16.72 -11.35 -5.57
C LYS B 206 15.31 -11.72 -6.01
N ASP B 207 15.06 -13.00 -6.30
CA ASP B 207 13.77 -13.44 -6.83
C ASP B 207 12.59 -13.20 -5.88
N VAL B 208 12.79 -13.53 -4.61
CA VAL B 208 11.77 -13.20 -3.59
C VAL B 208 11.51 -11.68 -3.54
N THR B 209 12.58 -10.86 -3.48
CA THR B 209 12.44 -9.40 -3.45
C THR B 209 11.68 -8.91 -4.71
N GLU B 210 12.10 -9.33 -5.92
CA GLU B 210 11.35 -8.99 -7.18
C GLU B 210 9.88 -9.42 -7.18
N ARG B 211 9.64 -10.60 -6.62
CA ARG B 211 8.25 -11.09 -6.58
C ARG B 211 7.37 -10.29 -5.67
N VAL B 212 7.94 -9.90 -4.52
CA VAL B 212 7.20 -9.06 -3.58
C VAL B 212 6.99 -7.63 -4.15
N ILE B 213 8.06 -7.05 -4.74
CA ILE B 213 7.97 -5.79 -5.48
C ILE B 213 6.80 -5.78 -6.50
N ALA B 214 6.71 -6.86 -7.29
CA ALA B 214 5.70 -7.06 -8.29
C ALA B 214 4.30 -7.07 -7.70
N THR B 215 4.21 -7.62 -6.49
CA THR B 215 2.93 -7.83 -5.77
C THR B 215 2.39 -6.59 -5.01
N ILE B 216 3.25 -5.90 -4.24
CA ILE B 216 2.93 -4.70 -3.47
C ILE B 216 3.66 -3.39 -3.88
N GLY B 217 4.50 -3.43 -4.91
CA GLY B 217 5.41 -2.29 -5.16
C GLY B 217 6.73 -2.25 -4.40
N LYS B 218 7.76 -1.68 -5.01
CA LYS B 218 9.03 -1.53 -4.32
C LYS B 218 8.99 -0.54 -3.10
N GLU B 219 8.12 0.45 -3.16
CA GLU B 219 7.96 1.52 -2.16
C GLU B 219 7.28 0.97 -0.86
N ARG B 220 6.88 -0.28 -0.90
CA ARG B 220 6.33 -1.01 0.26
C ARG B 220 7.17 -2.18 0.63
N THR B 221 8.36 -2.24 0.02
CA THR B 221 9.13 -3.46 0.08
C THR B 221 10.45 -3.26 0.73
N ALA B 222 10.73 -4.03 1.78
CA ALA B 222 12.04 -3.93 2.49
C ALA B 222 12.62 -5.31 2.78
N VAL B 223 13.85 -5.33 3.27
CA VAL B 223 14.63 -6.54 3.43
C VAL B 223 15.37 -6.42 4.77
N ARG B 224 15.47 -7.54 5.51
CA ARG B 224 16.51 -7.72 6.57
C ARG B 224 17.60 -8.67 6.23
N LEU B 225 18.81 -8.21 6.55
CA LEU B 225 20.02 -9.01 6.44
C LEU B 225 20.81 -8.98 7.76
N SER B 226 21.76 -9.93 7.85
CA SER B 226 22.64 -10.10 9.00
C SER B 226 23.92 -10.67 8.40
N PRO B 227 24.79 -9.76 7.85
CA PRO B 227 25.98 -10.33 7.17
C PRO B 227 27.12 -10.86 8.06
N ASN B 228 27.19 -10.45 9.31
CA ASN B 228 28.37 -10.80 10.13
C ASN B 228 28.09 -11.48 11.47
N GLY B 229 28.81 -12.57 11.70
CA GLY B 229 28.53 -13.43 12.82
C GLY B 229 27.82 -14.70 12.37
N GLU B 230 28.35 -15.82 12.87
CA GLU B 230 27.65 -17.10 12.81
C GLU B 230 26.38 -16.99 13.68
N ILE B 231 25.27 -17.58 13.23
CA ILE B 231 24.01 -17.57 13.99
C ILE B 231 23.22 -18.79 13.60
N GLN B 232 22.92 -19.64 14.57
CA GLN B 232 22.17 -20.84 14.28
C GLN B 232 22.90 -21.73 13.24
N GLY B 233 24.25 -21.66 13.28
CA GLY B 233 25.05 -22.40 12.34
C GLY B 233 25.22 -21.87 10.93
N THR B 234 24.42 -20.86 10.56
CA THR B 234 24.70 -20.08 9.37
C THR B 234 25.80 -19.01 9.60
N VAL B 235 26.81 -18.98 8.71
CA VAL B 235 27.87 -17.97 8.75
C VAL B 235 28.43 -18.02 7.35
N ASP B 236 29.02 -16.95 6.81
CA ASP B 236 29.74 -17.02 5.54
C ASP B 236 31.19 -16.80 5.90
N SER B 237 32.01 -17.52 5.16
CA SER B 237 33.44 -17.65 5.37
C SER B 237 34.15 -16.41 4.94
N HIS B 238 33.56 -15.67 3.99
CA HIS B 238 34.12 -14.40 3.54
C HIS B 238 32.95 -13.51 3.20
N PRO B 239 32.27 -12.93 4.22
CA PRO B 239 30.94 -12.25 4.02
C PRO B 239 30.93 -11.03 3.08
N GLU B 240 31.97 -10.21 3.15
CA GLU B 240 32.19 -9.10 2.23
C GLU B 240 31.98 -9.49 0.74
N GLN B 241 32.38 -10.72 0.35
CA GLN B 241 32.31 -11.17 -1.06
C GLN B 241 30.86 -11.37 -1.51
N VAL B 242 29.96 -11.58 -0.54
CA VAL B 242 28.58 -11.99 -0.80
C VAL B 242 27.55 -10.92 -0.36
N PHE B 243 27.72 -10.35 0.83
CA PHE B 243 26.80 -9.36 1.31
C PHE B 243 26.94 -7.97 0.71
N ILE B 244 28.12 -7.55 0.24
CA ILE B 244 28.20 -6.28 -0.49
C ILE B 244 27.41 -6.35 -1.81
N PRO B 245 27.67 -7.40 -2.64
CA PRO B 245 26.88 -7.73 -3.82
C PRO B 245 25.37 -7.87 -3.63
N ALA B 246 24.94 -8.39 -2.46
CA ALA B 246 23.53 -8.45 -2.13
C ALA B 246 22.95 -7.02 -1.87
N ALA B 247 23.64 -6.16 -1.11
CA ALA B 247 23.17 -4.78 -0.86
C ALA B 247 23.15 -3.98 -2.18
N LYS B 248 24.14 -4.18 -3.05
CA LYS B 248 24.15 -3.53 -4.38
C LYS B 248 22.93 -3.86 -5.20
N MET B 249 22.67 -5.17 -5.26
CA MET B 249 21.54 -5.76 -5.99
C MET B 249 20.23 -5.14 -5.48
N LEU B 250 20.08 -5.13 -4.15
CA LEU B 250 18.90 -4.60 -3.50
C LEU B 250 18.79 -3.08 -3.69
N SER B 251 19.92 -2.36 -3.69
CA SER B 251 19.89 -0.95 -4.07
C SER B 251 19.35 -0.79 -5.50
N ASP B 252 19.78 -1.66 -6.45
CA ASP B 252 19.31 -1.65 -7.85
C ASP B 252 17.84 -2.03 -8.06
N LEU B 253 17.26 -2.81 -7.13
CA LEU B 253 15.80 -2.95 -7.01
C LEU B 253 15.10 -1.69 -6.42
N ASP B 254 15.89 -0.85 -5.75
CA ASP B 254 15.42 0.38 -5.11
C ASP B 254 14.28 0.02 -4.14
N ILE B 255 14.59 -0.80 -3.18
CA ILE B 255 13.64 -1.18 -2.12
C ILE B 255 13.66 0.01 -1.16
N ALA B 256 12.64 0.08 -0.28
CA ALA B 256 12.29 1.28 0.50
C ALA B 256 13.37 1.54 1.56
N PHE B 257 13.86 0.44 2.12
CA PHE B 257 14.97 0.47 3.07
C PHE B 257 15.62 -0.91 3.27
N LEU B 258 16.90 -0.93 3.62
CA LEU B 258 17.58 -2.15 4.08
C LEU B 258 17.84 -2.15 5.59
N GLY B 259 17.32 -3.21 6.21
CA GLY B 259 17.51 -3.46 7.63
C GLY B 259 18.65 -4.45 7.81
N MET B 260 19.58 -4.12 8.71
CA MET B 260 20.66 -5.00 9.02
C MET B 260 20.90 -5.11 10.51
N ARG B 261 20.89 -6.36 10.99
CA ARG B 261 21.36 -6.66 12.35
C ARG B 261 22.87 -6.87 12.28
N GLU B 262 23.64 -6.05 13.02
CA GLU B 262 25.08 -6.24 13.03
C GLU B 262 25.75 -6.75 14.33
N GLY B 263 26.34 -7.94 14.23
CA GLY B 263 27.14 -8.46 15.31
C GLY B 263 28.38 -7.63 15.63
N ALA B 264 28.87 -7.79 16.85
CA ALA B 264 30.11 -7.08 17.30
C ALA B 264 31.05 -8.00 18.03
N VAL B 265 32.33 -7.63 18.06
CA VAL B 265 33.28 -8.34 18.96
C VAL B 265 32.69 -8.44 20.37
N ASP B 266 31.77 -7.52 20.62
CA ASP B 266 31.21 -7.14 21.89
C ASP B 266 29.71 -7.50 22.05
N GLY B 267 29.13 -8.11 21.01
CA GLY B 267 27.67 -8.17 20.84
C GLY B 267 26.95 -8.99 21.89
N THR B 268 25.72 -8.57 22.23
CA THR B 268 24.88 -9.24 23.23
C THR B 268 23.64 -9.92 22.60
N PHE B 269 23.47 -9.78 21.29
CA PHE B 269 22.49 -10.58 20.52
C PHE B 269 23.16 -11.02 19.21
N GLY B 270 24.43 -11.41 19.32
CA GLY B 270 25.25 -11.71 18.16
C GLY B 270 26.66 -11.21 18.40
N LYS B 271 27.52 -12.15 18.76
CA LYS B 271 28.92 -11.86 19.09
C LYS B 271 29.79 -12.51 18.02
N THR B 272 30.68 -11.73 17.41
CA THR B 272 31.53 -12.25 16.35
C THR B 272 32.72 -11.38 16.09
N ASP B 273 33.78 -12.03 15.57
CA ASP B 273 34.99 -11.32 15.12
C ASP B 273 34.93 -10.91 13.68
N GLN B 274 33.88 -11.31 12.98
CA GLN B 274 33.59 -10.82 11.66
C GLN B 274 33.12 -9.38 11.79
N PRO B 275 33.83 -8.45 11.12
CA PRO B 275 33.59 -7.05 11.40
C PRO B 275 32.27 -6.57 10.77
N LYS B 276 31.76 -5.44 11.22
CA LYS B 276 30.49 -4.92 10.70
C LYS B 276 30.76 -4.36 9.30
N LEU B 277 29.99 -4.84 8.32
CA LEU B 277 30.09 -4.38 6.91
C LEU B 277 29.33 -3.15 6.51
N SER B 278 28.51 -2.57 7.41
CA SER B 278 27.69 -1.40 7.08
C SER B 278 28.53 -0.35 6.39
N PRO B 279 29.71 0.02 6.97
CA PRO B 279 30.55 0.98 6.23
C PRO B 279 30.77 0.60 4.77
N GLU B 280 31.07 -0.65 4.44
CA GLU B 280 31.17 -0.98 3.00
C GLU B 280 29.80 -0.98 2.27
N ILE B 281 28.76 -1.49 2.96
CA ILE B 281 27.43 -1.66 2.40
C ILE B 281 26.86 -0.28 2.07
N ARG B 282 27.15 0.72 2.91
CA ARG B 282 26.69 2.12 2.74
C ARG B 282 26.98 2.64 1.31
N LYS B 283 28.18 2.33 0.83
CA LYS B 283 28.66 2.81 -0.46
C LYS B 283 27.97 2.19 -1.68
N VAL B 284 27.40 1.01 -1.48
CA VAL B 284 26.74 0.30 -2.58
C VAL B 284 25.23 0.34 -2.46
N PHE B 285 24.76 0.59 -1.24
CA PHE B 285 23.35 0.73 -0.97
C PHE B 285 22.87 2.19 -0.80
N LYS B 286 22.17 2.70 -1.81
CA LYS B 286 21.66 4.10 -1.86
C LYS B 286 20.38 4.43 -1.05
N PRO B 287 19.36 3.52 -1.02
CA PRO B 287 18.17 3.74 -0.23
C PRO B 287 18.48 3.82 1.29
N PRO B 288 17.48 4.17 2.12
CA PRO B 288 17.71 4.25 3.56
C PRO B 288 18.35 2.96 4.17
N LEU B 289 19.44 3.17 4.91
CA LEU B 289 20.13 2.10 5.64
C LEU B 289 19.76 2.13 7.09
N VAL B 290 19.10 1.07 7.57
CA VAL B 290 18.65 1.08 8.94
C VAL B 290 19.44 0.05 9.75
N LEU B 291 20.24 0.49 10.71
CA LEU B 291 21.12 -0.40 11.47
C LEU B 291 20.53 -0.87 12.79
N ASN B 292 20.96 -2.05 13.26
CA ASN B 292 20.47 -2.58 14.51
C ASN B 292 21.54 -3.33 15.29
N GLN B 293 21.38 -3.23 16.62
CA GLN B 293 21.93 -4.12 17.64
C GLN B 293 22.90 -3.37 18.52
N ASP B 294 22.59 -3.42 19.81
CA ASP B 294 23.42 -2.85 20.87
C ASP B 294 23.62 -1.33 20.76
N TYR B 295 22.68 -0.63 20.13
CA TYR B 295 22.74 0.81 20.11
C TYR B 295 22.14 1.35 21.41
N THR B 296 22.65 2.49 21.85
CA THR B 296 22.04 3.27 22.91
C THR B 296 21.55 4.53 22.23
N PHE B 297 20.98 5.49 22.96
CA PHE B 297 20.59 6.71 22.25
C PHE B 297 21.87 7.29 21.64
N GLU B 298 22.97 7.18 22.37
CA GLU B 298 24.22 7.85 22.00
C GLU B 298 24.90 7.30 20.78
N THR B 299 25.02 5.97 20.70
CA THR B 299 25.72 5.32 19.57
C THR B 299 24.83 5.33 18.31
N ALA B 300 23.51 5.21 18.50
CA ALA B 300 22.57 5.34 17.38
C ALA B 300 22.66 6.72 16.77
N GLN B 301 22.77 7.75 17.60
CA GLN B 301 22.90 9.12 17.09
C GLN B 301 24.29 9.36 16.43
N ALA B 302 25.38 8.78 16.95
CA ALA B 302 26.70 8.76 16.24
C ALA B 302 26.58 8.11 14.84
N ALA B 303 25.71 7.13 14.73
CA ALA B 303 25.51 6.46 13.47
C ALA B 303 24.81 7.38 12.46
N LEU B 304 23.82 8.17 12.91
CA LEU B 304 23.12 9.11 12.04
C LEU B 304 24.13 10.23 11.69
N ASP B 305 24.97 10.59 12.66
CA ASP B 305 25.99 11.64 12.44
C ASP B 305 27.04 11.36 11.38
N SER B 306 27.36 10.09 11.18
CA SER B 306 28.34 9.72 10.17
C SER B 306 27.70 9.45 8.81
N GLY B 307 26.37 9.36 8.79
CA GLY B 307 25.61 9.04 7.60
C GLY B 307 25.48 7.54 7.34
N VAL B 308 26.24 6.74 8.10
CA VAL B 308 26.29 5.32 7.90
C VAL B 308 24.92 4.69 8.16
N ALA B 309 24.15 5.27 9.07
CA ALA B 309 22.72 4.88 9.17
C ALA B 309 21.82 6.09 9.00
N ASP B 310 20.66 5.89 8.33
CA ASP B 310 19.65 6.92 8.21
C ASP B 310 18.59 6.83 9.34
N ALA B 311 18.37 5.65 9.87
CA ALA B 311 17.57 5.47 11.11
C ALA B 311 18.21 4.26 11.80
N ILE B 312 17.86 4.02 13.06
CA ILE B 312 18.33 2.87 13.83
C ILE B 312 17.12 2.14 14.39
N SER B 313 17.12 0.81 14.28
CA SER B 313 16.09 -0.03 14.97
C SER B 313 16.52 -0.49 16.39
N PHE B 314 15.56 -0.58 17.31
CA PHE B 314 15.81 -0.93 18.71
C PHE B 314 14.86 -2.06 19.06
N GLY B 315 15.38 -3.14 19.61
CA GLY B 315 14.61 -4.33 19.89
C GLY B 315 14.23 -4.50 21.33
N ARG B 316 15.16 -5.03 22.12
CA ARG B 316 15.02 -5.17 23.58
C ARG B 316 14.54 -3.88 24.29
N PRO B 317 15.04 -2.69 23.88
CA PRO B 317 14.47 -1.53 24.53
C PRO B 317 12.99 -1.26 24.27
N PHE B 318 12.45 -1.62 23.09
CA PHE B 318 11.03 -1.41 22.91
C PHE B 318 10.21 -2.43 23.71
N ILE B 319 10.82 -3.53 24.17
CA ILE B 319 10.03 -4.51 24.94
C ILE B 319 9.53 -3.90 26.25
N GLY B 320 10.43 -3.29 27.02
CA GLY B 320 10.08 -2.70 28.33
C GLY B 320 9.72 -1.20 28.23
N ASN B 321 10.05 -0.57 27.12
CA ASN B 321 9.91 0.85 26.99
C ASN B 321 9.01 1.27 25.85
N PRO B 322 7.69 1.03 25.99
CA PRO B 322 6.77 1.26 24.87
C PRO B 322 6.94 2.62 24.16
N ASP B 323 6.92 3.71 24.95
CA ASP B 323 7.11 5.08 24.45
C ASP B 323 8.61 5.48 24.36
N LEU B 324 9.42 4.60 23.78
CA LEU B 324 10.89 4.73 23.82
C LEU B 324 11.31 6.11 23.31
N PRO B 325 10.64 6.63 22.22
CA PRO B 325 11.12 7.94 21.75
C PRO B 325 10.92 9.10 22.76
N ARG B 326 9.76 9.13 23.40
CA ARG B 326 9.49 10.13 24.43
C ARG B 326 10.47 9.98 25.58
N ARG B 327 10.87 8.73 25.86
CA ARG B 327 11.84 8.47 26.93
C ARG B 327 13.23 8.96 26.56
N PHE B 328 13.64 8.77 25.31
CA PHE B 328 14.90 9.32 24.82
C PHE B 328 14.87 10.85 24.96
N PHE B 329 13.84 11.46 24.37
CA PHE B 329 13.58 12.90 24.50
C PHE B 329 13.57 13.52 25.92
N GLU B 330 12.87 12.90 26.86
CA GLU B 330 12.81 13.41 28.23
C GLU B 330 13.98 12.89 29.11
N LYS B 331 14.99 12.29 28.50
CA LYS B 331 15.97 11.43 29.21
C LYS B 331 15.42 10.69 30.43
N ALA B 332 14.41 9.88 30.16
CA ALA B 332 13.78 9.07 31.17
C ALA B 332 14.56 7.80 31.26
N PRO B 333 14.78 7.30 32.50
CA PRO B 333 15.42 6.00 32.67
C PRO B 333 14.62 4.92 31.96
N LEU B 334 15.32 4.07 31.20
CA LEU B 334 14.74 2.94 30.47
C LEU B 334 14.50 1.78 31.43
N THR B 335 13.29 1.24 31.47
CA THR B 335 12.99 0.03 32.20
C THR B 335 13.66 -1.22 31.57
N LYS B 336 14.20 -2.08 32.40
CA LYS B 336 14.78 -3.32 31.94
C LYS B 336 13.73 -4.28 31.45
N ASP B 337 14.01 -4.91 30.30
CA ASP B 337 13.17 -6.00 29.82
C ASP B 337 13.46 -7.28 30.54
N VAL B 338 12.38 -8.05 30.74
CA VAL B 338 12.38 -9.32 31.46
C VAL B 338 12.49 -10.49 30.46
N ILE B 339 13.68 -11.06 30.32
CA ILE B 339 13.97 -12.14 29.35
C ILE B 339 12.95 -13.26 29.42
N GLU B 340 12.56 -13.58 30.65
CA GLU B 340 11.72 -14.73 30.95
C GLU B 340 10.33 -14.63 30.30
N THR B 341 9.86 -13.39 30.08
CA THR B 341 8.56 -13.15 29.48
C THR B 341 8.70 -12.69 28.02
N TRP B 342 9.86 -12.91 27.41
CA TRP B 342 10.04 -12.62 25.99
C TRP B 342 9.12 -13.43 25.11
N TYR B 343 8.97 -14.71 25.44
CA TYR B 343 8.34 -15.62 24.51
C TYR B 343 7.19 -16.43 25.13
N THR B 344 6.68 -15.97 26.27
CA THR B 344 5.62 -16.68 26.96
C THR B 344 4.35 -16.18 26.35
N GLN B 345 3.19 -16.71 26.81
CA GLN B 345 1.93 -16.40 26.11
C GLN B 345 1.04 -15.30 26.68
N THR B 346 1.41 -14.70 27.81
CA THR B 346 0.46 -13.93 28.54
C THR B 346 0.79 -12.45 28.52
N PRO B 347 -0.17 -11.60 29.02
CA PRO B 347 0.11 -10.18 29.17
C PRO B 347 1.26 -9.81 30.11
N LYS B 348 1.59 -10.67 31.07
CA LYS B 348 2.79 -10.54 31.87
C LYS B 348 4.02 -10.36 30.96
N GLY B 349 4.67 -9.21 31.08
CA GLY B 349 5.94 -8.94 30.39
C GLY B 349 5.71 -8.61 28.93
N TYR B 350 4.49 -8.15 28.62
CA TYR B 350 4.05 -7.91 27.24
C TYR B 350 3.42 -6.51 27.13
N THR B 351 2.22 -6.37 27.69
CA THR B 351 1.45 -5.12 27.66
C THR B 351 1.39 -4.35 29.00
N ASP B 352 2.01 -4.92 30.04
CA ASP B 352 2.00 -4.37 31.40
C ASP B 352 3.25 -3.55 31.79
N TYR B 353 4.12 -3.27 30.81
CA TYR B 353 5.18 -2.29 30.99
C TYR B 353 4.48 -0.96 30.79
N PRO B 354 4.71 -0.01 31.72
CA PRO B 354 4.18 1.36 31.68
C PRO B 354 4.74 2.36 30.65
N LEU B 355 3.80 3.03 30.00
CA LEU B 355 4.06 4.27 29.32
C LEU B 355 4.29 5.33 30.41
N LEU B 356 5.04 6.37 30.03
CA LEU B 356 5.69 7.33 30.87
C LEU B 356 4.72 8.41 31.34
N1 FMN C . -14.23 13.42 -12.54
C2 FMN C . -13.71 12.23 -12.53
O2 FMN C . -14.38 11.43 -11.83
N3 FMN C . -12.56 11.88 -13.19
C4 FMN C . -11.92 12.81 -13.95
O4 FMN C . -10.85 12.44 -14.52
C4A FMN C . -12.46 14.20 -13.98
N5 FMN C . -11.89 15.20 -14.70
C5A FMN C . -12.36 16.47 -14.72
C6 FMN C . -11.68 17.47 -15.46
C7 FMN C . -12.13 18.78 -15.46
C7M FMN C . -11.37 19.80 -16.25
C8 FMN C . -13.34 19.14 -14.73
C8M FMN C . -13.84 20.54 -14.76
C9 FMN C . -14.04 18.17 -14.01
C9A FMN C . -13.59 16.84 -13.93
N10 FMN C . -14.25 15.80 -13.18
C10 FMN C . -13.70 14.49 -13.20
C1' FMN C . -15.44 16.22 -12.44
C2' FMN C . -14.76 16.88 -11.21
O2' FMN C . -14.16 15.94 -10.34
C3' FMN C . -15.66 17.55 -10.23
O3' FMN C . -16.57 16.49 -9.86
C4' FMN C . -16.22 18.82 -10.77
O4' FMN C . -15.06 19.69 -11.02
C5' FMN C . -17.20 19.40 -9.76
O5' FMN C . -16.43 19.82 -8.63
P FMN C . -16.00 21.29 -8.29
O1P FMN C . -15.00 21.68 -9.38
O2P FMN C . -17.27 22.10 -8.36
O3P FMN C . -15.25 21.19 -6.98
C ACT D . -14.06 12.46 -4.95
O ACT D . -14.24 13.62 -5.42
OXT ACT D . -14.54 11.43 -5.47
CH3 ACT D . -13.21 12.35 -3.68
N1 NCA E . -12.79 13.49 -17.60
C2 NCA E . -13.63 12.89 -16.77
C3 NCA E . -14.86 13.49 -16.43
C4 NCA E . -15.21 14.73 -16.96
C5 NCA E . -14.31 15.34 -17.84
C6 NCA E . -13.12 14.70 -18.14
C7 NCA E . -15.87 12.85 -15.49
O7 NCA E . -16.92 13.46 -15.30
N7 NCA E . -15.60 11.66 -14.99
NA NA F . 6.85 7.36 -3.29
K K G . -17.70 15.07 -24.74
N1 FMN H . 14.79 -10.38 14.65
C2 FMN H . 14.03 -10.71 13.56
O2 FMN H . 14.47 -10.40 12.45
N3 FMN H . 12.80 -11.28 13.61
C4 FMN H . 12.21 -11.59 14.77
O4 FMN H . 11.05 -12.10 14.76
C4A FMN H . 12.96 -11.28 16.01
N5 FMN H . 12.44 -11.57 17.24
C5A FMN H . 13.10 -11.29 18.40
C6 FMN H . 12.52 -11.58 19.64
C7 FMN H . 13.19 -11.27 20.82
C7M FMN H . 12.57 -11.61 22.17
C8 FMN H . 14.51 -10.59 20.79
C8M FMN H . 15.27 -10.27 22.07
C9 FMN H . 15.10 -10.29 19.57
C9A FMN H . 14.44 -10.62 18.37
N10 FMN H . 15.01 -10.33 17.11
C10 FMN H . 14.32 -10.66 15.90
C1' FMN H . 16.29 -9.64 16.98
C2' FMN H . 16.00 -8.15 17.11
O2' FMN H . 15.25 -7.61 16.00
C3' FMN H . 17.29 -7.32 17.25
O3' FMN H . 18.07 -7.64 16.10
C4' FMN H . 18.06 -7.67 18.50
O4' FMN H . 17.16 -7.62 19.60
C5' FMN H . 19.23 -6.71 18.64
O5' FMN H . 18.83 -5.36 18.94
P FMN H . 18.84 -4.60 20.36
O1P FMN H . 17.84 -5.45 21.23
O2P FMN H . 20.28 -4.48 20.86
O3P FMN H . 18.27 -3.28 19.98
C ACT I . 15.55 -3.61 11.09
O ACT I . 15.56 -4.49 10.18
OXT ACT I . 15.69 -3.90 12.27
CH3 ACT I . 15.34 -2.14 10.84
N1 NCA J . 14.27 -14.60 18.28
C2 NCA J . 15.10 -14.21 17.27
C3 NCA J . 14.75 -14.26 15.90
C4 NCA J . 13.49 -14.73 15.53
C5 NCA J . 12.68 -15.20 16.60
C6 NCA J . 13.09 -15.14 17.93
C7 NCA J . 15.72 -13.74 14.87
O7 NCA J . 15.35 -13.56 13.70
N7 NCA J . 16.95 -13.43 15.35
NA NA K . 14.53 -32.69 -0.92
NA NA L . 24.50 -29.35 3.54
K K M . 4.84 7.35 14.54
#